data_5CHJ
#
_entry.id   5CHJ
#
_cell.length_a   74.294
_cell.length_b   57.161
_cell.length_c   83.229
_cell.angle_alpha   90.000
_cell.angle_beta   91.670
_cell.angle_gamma   90.000
#
_symmetry.space_group_name_H-M   'P 1 21 1'
#
loop_
_entity.id
_entity.type
_entity.pdbx_description
1 polymer Beta-lactamase
2 non-polymer '(1R)-1-(2-THIENYLACETYLAMINO)-1-(3-CARBOXYPHENYL)METHYLBORONIC ACID'
3 non-polymer 'ZINC ION'
4 non-polymer 'ACETATE ION'
5 water water
#
_entity_poly.entity_id   1
_entity_poly.type   'polypeptide(L)'
_entity_poly.pdbx_seq_one_letter_code
;GHMSGEAPLTATVDGIIQPMLKAYRIPGMAVAVLKDGKAHYFNYGVANRESGQRVSEQTLFEIGSVSKTLTATLGAYAAV
KGGFELDDKVSQHAPWLKGSAFDGVTMAELATYSAGGLPLQFPDEVDSNDKMQTYYRSWSPVYPAGTHRQYSNPSIGLFG
HLAANSLGQPFEQLMSQTLLPKLGLHHTYIQVPESAMANYAYGYSKEDKPIRATPGVLAAEAYGIKTGSADLLKFVEANM
GYQGDAALKSAIALTHTGFHSVGEMTQGLGWESYDYPVTEQVLLAGNSPAVSFQANPVTRFAVPKAMGEQRLYNKTGSTG
GFGAYVAFVPARGIAIVMLANRNYPIEARVKAAHAILSQLAE
;
_entity_poly.pdbx_strand_id   A,B
#
# COMPACT_ATOMS: atom_id res chain seq x y z
N ALA A 7 -10.28 43.38 -19.30
CA ALA A 7 -11.67 42.98 -19.07
C ALA A 7 -11.90 42.56 -17.60
N PRO A 8 -13.18 42.41 -17.21
CA PRO A 8 -13.53 41.89 -15.88
C PRO A 8 -12.98 40.51 -15.61
N LEU A 9 -12.70 40.22 -14.34
CA LEU A 9 -11.95 39.03 -13.98
C LEU A 9 -12.77 37.75 -14.12
N THR A 10 -14.00 37.76 -13.64
CA THR A 10 -14.83 36.58 -13.74
C THR A 10 -15.07 36.19 -15.19
N ALA A 11 -15.40 37.16 -16.02
CA ALA A 11 -15.64 36.86 -17.43
C ALA A 11 -14.37 36.35 -18.09
N THR A 12 -13.23 36.90 -17.72
CA THR A 12 -11.97 36.45 -18.28
C THR A 12 -11.73 34.98 -17.93
N VAL A 13 -11.81 34.67 -16.64
CA VAL A 13 -11.57 33.29 -16.23
C VAL A 13 -12.59 32.30 -16.77
N ASP A 14 -13.88 32.62 -16.63
CA ASP A 14 -14.91 31.72 -17.12
C ASP A 14 -14.76 31.43 -18.61
N GLY A 15 -14.46 32.47 -19.37
CA GLY A 15 -14.45 32.40 -20.83
C GLY A 15 -13.31 31.55 -21.35
N ILE A 16 -12.27 31.37 -20.53
CA ILE A 16 -11.14 30.51 -20.85
CA ILE A 16 -11.14 30.52 -20.86
C ILE A 16 -11.34 29.12 -20.26
N ILE A 17 -11.73 29.05 -18.99
CA ILE A 17 -11.86 27.76 -18.31
C ILE A 17 -13.07 26.90 -18.74
N GLN A 18 -14.23 27.49 -18.84
CA GLN A 18 -15.39 26.67 -19.12
C GLN A 18 -15.34 25.87 -20.44
N PRO A 19 -14.88 26.50 -21.53
CA PRO A 19 -14.79 25.66 -22.76
C PRO A 19 -13.79 24.53 -22.63
N MET A 20 -12.74 24.72 -21.85
CA MET A 20 -11.73 23.71 -21.71
C MET A 20 -12.27 22.57 -20.86
N LEU A 21 -13.02 22.88 -19.82
CA LEU A 21 -13.63 21.83 -18.99
C LEU A 21 -14.57 20.99 -19.84
N LYS A 22 -15.34 21.63 -20.72
CA LYS A 22 -16.26 20.88 -21.58
C LYS A 22 -15.45 20.03 -22.57
N ALA A 23 -14.42 20.61 -23.16
CA ALA A 23 -13.66 19.92 -24.21
C ALA A 23 -12.99 18.66 -23.70
N TYR A 24 -12.50 18.72 -22.47
CA TYR A 24 -11.75 17.58 -21.91
C TYR A 24 -12.56 16.77 -20.90
N ARG A 25 -13.86 17.07 -20.82
CA ARG A 25 -14.77 16.40 -19.88
C ARG A 25 -14.21 16.38 -18.45
N ILE A 26 -13.73 17.53 -18.00
CA ILE A 26 -13.11 17.62 -16.69
C ILE A 26 -14.22 17.79 -15.65
N PRO A 27 -14.33 16.87 -14.68
CA PRO A 27 -15.54 16.93 -13.82
C PRO A 27 -15.56 18.16 -12.91
N GLY A 28 -14.39 18.54 -12.38
CA GLY A 28 -14.29 19.69 -11.51
C GLY A 28 -12.93 20.36 -11.56
N MET A 29 -12.93 21.67 -11.32
CA MET A 29 -11.69 22.44 -11.29
C MET A 29 -11.84 23.58 -10.30
N ALA A 30 -10.81 23.72 -9.46
CA ALA A 30 -10.65 24.89 -8.61
C ALA A 30 -9.54 25.77 -9.19
N VAL A 31 -9.90 27.03 -9.46
CA VAL A 31 -8.95 28.00 -10.01
C VAL A 31 -8.80 29.09 -8.99
N ALA A 32 -7.57 29.46 -8.67
CA ALA A 32 -7.32 30.60 -7.83
C ALA A 32 -6.34 31.55 -8.53
N VAL A 33 -6.62 32.85 -8.43
CA VAL A 33 -5.84 33.88 -9.08
C VAL A 33 -5.43 34.87 -8.01
N LEU A 34 -4.19 35.32 -8.12
CA LEU A 34 -3.70 36.45 -7.38
C LEU A 34 -3.63 37.66 -8.30
N LYS A 35 -4.20 38.76 -7.85
CA LYS A 35 -4.12 40.02 -8.58
C LYS A 35 -4.41 41.14 -7.58
N ASP A 36 -3.59 42.17 -7.68
CA ASP A 36 -3.73 43.37 -6.83
C ASP A 36 -3.66 42.99 -5.36
N GLY A 37 -2.83 42.01 -5.04
CA GLY A 37 -2.60 41.65 -3.64
C GLY A 37 -3.72 40.82 -3.04
N LYS A 38 -4.67 40.40 -3.86
CA LYS A 38 -5.86 39.70 -3.38
C LYS A 38 -6.01 38.36 -4.06
N ALA A 39 -6.48 37.37 -3.32
CA ALA A 39 -6.86 36.07 -3.85
C ALA A 39 -8.30 36.11 -4.37
N HIS A 40 -8.53 35.45 -5.49
CA HIS A 40 -9.86 35.28 -6.08
C HIS A 40 -10.04 33.82 -6.48
N TYR A 41 -11.21 33.26 -6.17
CA TYR A 41 -11.51 31.87 -6.38
C TYR A 41 -12.62 31.69 -7.39
N PHE A 42 -12.38 30.81 -8.34
CA PHE A 42 -13.35 30.42 -9.37
C PHE A 42 -13.43 28.90 -9.34
N ASN A 43 -14.62 28.39 -9.03
CA ASN A 43 -14.86 26.98 -8.79
C ASN A 43 -15.88 26.44 -9.78
N TYR A 44 -15.55 25.30 -10.37
CA TYR A 44 -16.36 24.70 -11.43
C TYR A 44 -16.60 23.23 -11.14
N GLY A 45 -17.84 22.81 -11.33
CA GLY A 45 -18.15 21.40 -11.36
C GLY A 45 -18.05 20.69 -10.03
N VAL A 46 -17.72 19.41 -10.10
CA VAL A 46 -17.86 18.50 -8.98
C VAL A 46 -16.57 17.82 -8.60
N ALA A 47 -16.40 17.65 -7.30
CA ALA A 47 -15.29 16.93 -6.70
C ALA A 47 -15.49 15.43 -6.79
N ASN A 48 -16.76 14.99 -6.84
CA ASN A 48 -17.16 13.60 -6.73
C ASN A 48 -18.41 13.47 -7.60
N ARG A 49 -18.30 12.77 -8.72
CA ARG A 49 -19.38 12.66 -9.67
C ARG A 49 -20.54 11.89 -9.07
N GLU A 50 -20.24 10.89 -8.26
CA GLU A 50 -21.32 10.10 -7.69
C GLU A 50 -22.19 10.90 -6.70
N SER A 51 -21.56 11.62 -5.77
CA SER A 51 -22.26 12.35 -4.74
C SER A 51 -22.73 13.73 -5.20
N GLY A 52 -22.11 14.24 -6.25
CA GLY A 52 -22.36 15.59 -6.70
C GLY A 52 -21.75 16.70 -5.87
N GLN A 53 -20.86 16.37 -4.95
CA GLN A 53 -20.25 17.39 -4.12
C GLN A 53 -19.55 18.42 -5.01
N ARG A 54 -19.84 19.69 -4.79
CA ARG A 54 -19.27 20.73 -5.61
C ARG A 54 -17.83 21.08 -5.20
N VAL A 55 -17.05 21.44 -6.20
CA VAL A 55 -15.69 21.96 -5.97
C VAL A 55 -15.75 23.33 -5.30
N SER A 56 -14.88 23.52 -4.30
CA SER A 56 -14.59 24.82 -3.71
C SER A 56 -13.08 24.94 -3.57
N GLU A 57 -12.65 26.11 -3.12
CA GLU A 57 -11.24 26.36 -2.89
C GLU A 57 -10.73 25.57 -1.69
N GLN A 58 -11.62 24.86 -1.00
CA GLN A 58 -11.25 23.97 0.10
C GLN A 58 -11.24 22.51 -0.32
N THR A 59 -11.66 22.22 -1.54
CA THR A 59 -11.59 20.86 -2.03
C THR A 59 -10.14 20.41 -2.14
N LEU A 60 -9.82 19.17 -1.72
CA LEU A 60 -8.46 18.64 -1.81
C LEU A 60 -8.34 17.90 -3.12
N PHE A 61 -7.37 18.33 -3.93
CA PHE A 61 -6.95 17.68 -5.16
C PHE A 61 -5.55 17.10 -4.99
N GLU A 62 -5.23 16.05 -5.72
CA GLU A 62 -3.86 15.62 -5.85
C GLU A 62 -3.18 16.59 -6.80
N ILE A 63 -2.08 17.17 -6.37
CA ILE A 63 -1.35 18.12 -7.21
C ILE A 63 -0.17 17.50 -7.91
N GLY A 64 0.08 16.21 -7.73
CA GLY A 64 1.13 15.53 -8.49
C GLY A 64 2.47 16.22 -8.34
N SER A 65 3.17 16.36 -9.46
CA SER A 65 4.49 16.95 -9.38
C SER A 65 4.58 18.44 -8.99
N VAL A 66 3.48 19.14 -8.81
CA VAL A 66 3.57 20.43 -8.18
C VAL A 66 4.14 20.28 -6.77
N SER A 67 4.00 19.07 -6.21
CA SER A 67 4.60 18.72 -4.94
C SER A 67 6.10 18.98 -4.88
N LYS A 68 6.76 18.84 -6.03
CA LYS A 68 8.20 19.05 -6.11
C LYS A 68 8.62 20.44 -5.68
N THR A 69 7.72 21.43 -5.81
CA THR A 69 8.05 22.78 -5.35
C THR A 69 8.07 22.89 -3.84
N LEU A 70 7.19 22.14 -3.18
CA LEU A 70 7.22 22.04 -1.72
C LEU A 70 8.42 21.21 -1.25
N THR A 71 8.72 20.08 -1.91
CA THR A 71 9.91 19.31 -1.60
C THR A 71 11.17 20.15 -1.74
N ALA A 72 11.22 20.94 -2.80
CA ALA A 72 12.37 21.78 -3.03
C ALA A 72 12.51 22.83 -1.96
N THR A 73 11.40 23.38 -1.49
CA THR A 73 11.41 24.39 -0.42
C THR A 73 11.89 23.75 0.90
N LEU A 74 11.45 22.50 1.15
CA LEU A 74 11.91 21.77 2.34
C LEU A 74 13.42 21.53 2.22
N GLY A 75 13.88 21.14 1.04
CA GLY A 75 15.32 20.92 0.86
C GLY A 75 16.12 22.17 1.07
N ALA A 76 15.64 23.28 0.51
CA ALA A 76 16.33 24.54 0.68
C ALA A 76 16.36 24.99 2.14
N TYR A 77 15.26 24.76 2.85
CA TYR A 77 15.17 25.07 4.26
C TYR A 77 16.22 24.27 5.06
N ALA A 78 16.33 22.98 4.75
CA ALA A 78 17.33 22.17 5.42
C ALA A 78 18.74 22.69 5.12
N ALA A 79 18.98 23.14 3.89
CA ALA A 79 20.30 23.71 3.59
C ALA A 79 20.54 24.97 4.39
N VAL A 80 19.55 25.85 4.44
CA VAL A 80 19.72 27.10 5.19
C VAL A 80 19.97 26.84 6.67
N LYS A 81 19.37 25.79 7.19
CA LYS A 81 19.53 25.44 8.60
C LYS A 81 20.81 24.65 8.85
N GLY A 82 21.60 24.42 7.82
CA GLY A 82 22.93 23.83 8.00
C GLY A 82 23.01 22.33 7.80
N GLY A 83 21.95 21.69 7.30
CA GLY A 83 21.99 20.26 7.13
C GLY A 83 22.93 19.83 6.04
N PHE A 84 23.02 20.64 4.99
CA PHE A 84 23.95 20.37 3.91
C PHE A 84 24.17 21.66 3.13
N GLU A 85 25.20 21.67 2.29
CA GLU A 85 25.36 22.68 1.26
C GLU A 85 25.02 22.06 -0.10
N LEU A 86 24.41 22.85 -0.97
CA LEU A 86 23.96 22.38 -2.25
C LEU A 86 25.08 21.79 -3.10
N ASP A 87 26.31 22.28 -2.94
CA ASP A 87 27.41 21.72 -3.72
CA ASP A 87 27.43 21.76 -3.72
C ASP A 87 28.09 20.54 -3.06
N ASP A 88 27.58 20.09 -1.90
CA ASP A 88 28.11 18.88 -1.28
C ASP A 88 27.82 17.64 -2.16
N LYS A 89 28.72 16.68 -2.16
CA LYS A 89 28.43 15.41 -2.77
C LYS A 89 27.31 14.68 -2.02
N VAL A 90 26.46 14.02 -2.78
CA VAL A 90 25.32 13.32 -2.24
C VAL A 90 25.74 12.30 -1.18
N SER A 91 26.87 11.64 -1.34
CA SER A 91 27.23 10.60 -0.38
C SER A 91 27.72 11.20 0.93
N GLN A 92 28.05 12.49 0.97
CA GLN A 92 28.35 13.13 2.24
CA GLN A 92 28.35 13.12 2.25
C GLN A 92 27.12 13.08 3.13
N HIS A 93 25.94 12.94 2.52
CA HIS A 93 24.64 12.98 3.23
C HIS A 93 23.86 11.70 3.10
N ALA A 94 24.56 10.63 2.71
CA ALA A 94 23.96 9.30 2.62
C ALA A 94 25.10 8.32 2.78
N PRO A 95 25.38 7.92 4.03
CA PRO A 95 26.53 7.04 4.28
C PRO A 95 26.47 5.77 3.46
N TRP A 96 25.26 5.27 3.22
CA TRP A 96 25.04 4.10 2.40
C TRP A 96 25.33 4.29 0.93
N LEU A 97 25.61 5.53 0.52
CA LEU A 97 26.00 5.79 -0.85
C LEU A 97 27.50 6.04 -1.00
N LYS A 98 28.26 6.00 0.11
CA LYS A 98 29.69 6.24 0.04
C LYS A 98 30.26 5.12 -0.83
N GLY A 99 31.10 5.51 -1.78
CA GLY A 99 31.72 4.56 -2.67
C GLY A 99 30.95 4.34 -3.96
N SER A 100 29.76 4.89 -4.07
CA SER A 100 28.92 4.73 -5.25
C SER A 100 29.12 5.90 -6.24
N ALA A 101 28.35 5.95 -7.31
CA ALA A 101 28.46 7.07 -8.25
C ALA A 101 28.07 8.38 -7.58
N PHE A 102 27.36 8.30 -6.46
CA PHE A 102 26.91 9.52 -5.79
C PHE A 102 28.02 10.22 -5.01
N ASP A 103 29.22 9.63 -5.02
CA ASP A 103 30.41 10.34 -4.60
C ASP A 103 30.72 11.48 -5.57
N GLY A 104 30.18 11.41 -6.81
CA GLY A 104 30.50 12.39 -7.84
C GLY A 104 29.34 13.26 -8.28
N VAL A 105 28.25 13.27 -7.52
CA VAL A 105 27.01 14.00 -7.83
C VAL A 105 26.75 14.93 -6.65
N THR A 106 26.35 16.18 -6.93
CA THR A 106 26.02 17.10 -5.84
C THR A 106 24.54 17.07 -5.49
N MET A 107 24.22 17.55 -4.29
CA MET A 107 22.85 17.70 -3.86
C MET A 107 22.05 18.57 -4.85
N ALA A 108 22.63 19.68 -5.31
CA ALA A 108 21.98 20.52 -6.33
C ALA A 108 21.68 19.75 -7.63
N GLU A 109 22.62 18.94 -8.10
CA GLU A 109 22.38 18.13 -9.29
C GLU A 109 21.23 17.16 -9.10
N LEU A 110 21.16 16.53 -7.94
CA LEU A 110 20.07 15.66 -7.63
C LEU A 110 18.76 16.41 -7.67
N ALA A 111 18.72 17.63 -7.10
CA ALA A 111 17.51 18.40 -7.03
C ALA A 111 17.03 18.89 -8.38
N THR A 112 17.95 19.08 -9.32
CA THR A 112 17.69 19.71 -10.60
C THR A 112 17.73 18.72 -11.77
N TYR A 113 17.70 17.43 -11.45
CA TYR A 113 17.57 16.36 -12.45
C TYR A 113 18.82 16.23 -13.33
N SER A 114 19.97 16.67 -12.83
CA SER A 114 21.19 16.68 -13.64
C SER A 114 22.28 15.76 -13.07
N ALA A 115 21.91 14.75 -12.31
CA ALA A 115 22.88 13.80 -11.77
C ALA A 115 23.56 12.93 -12.81
N GLY A 116 22.91 12.73 -13.95
CA GLY A 116 23.51 11.96 -15.03
C GLY A 116 22.63 10.85 -15.57
N GLY A 117 21.33 11.09 -15.66
CA GLY A 117 20.44 10.16 -16.34
C GLY A 117 19.62 9.27 -15.45
N LEU A 118 19.40 9.68 -14.20
CA LEU A 118 18.38 8.98 -13.42
C LEU A 118 17.06 9.07 -14.19
N PRO A 119 16.26 8.00 -14.14
CA PRO A 119 15.12 7.91 -15.05
C PRO A 119 13.87 8.64 -14.55
N LEU A 120 12.86 8.73 -15.41
CA LEU A 120 11.61 9.38 -15.05
C LEU A 120 11.00 8.74 -13.79
N GLN A 121 10.95 7.39 -13.78
CA GLN A 121 10.37 6.62 -12.68
C GLN A 121 11.34 5.57 -12.21
N PHE A 122 11.20 5.12 -10.97
CA PHE A 122 11.93 3.95 -10.53
C PHE A 122 11.60 2.77 -11.46
N PRO A 123 12.60 1.92 -11.74
CA PRO A 123 12.28 0.66 -12.42
C PRO A 123 11.25 -0.14 -11.62
N ASP A 124 10.46 -0.99 -12.27
CA ASP A 124 9.21 -1.47 -11.65
C ASP A 124 9.28 -2.11 -10.25
N GLU A 125 10.27 -2.98 -10.05
CA GLU A 125 10.50 -3.64 -8.80
C GLU A 125 11.47 -2.97 -7.85
N VAL A 126 11.79 -1.71 -8.11
CA VAL A 126 12.51 -0.91 -7.12
C VAL A 126 11.40 -0.26 -6.31
N ASP A 127 10.85 -1.02 -5.38
CA ASP A 127 9.60 -0.71 -4.74
C ASP A 127 9.58 -1.03 -3.26
N SER A 128 10.75 -1.04 -2.65
CA SER A 128 10.88 -1.10 -1.20
C SER A 128 12.07 -0.22 -0.83
N ASN A 129 12.19 0.16 0.44
CA ASN A 129 13.33 0.98 0.89
C ASN A 129 14.65 0.26 0.69
N ASP A 130 14.70 -1.02 1.09
CA ASP A 130 15.89 -1.85 0.82
C ASP A 130 16.27 -1.87 -0.66
N LYS A 131 15.32 -2.11 -1.55
CA LYS A 131 15.63 -2.16 -2.97
C LYS A 131 15.96 -0.78 -3.57
N MET A 132 15.37 0.24 -3.00
CA MET A 132 15.71 1.62 -3.37
C MET A 132 17.19 1.86 -3.08
N GLN A 133 17.65 1.49 -1.89
CA GLN A 133 19.04 1.72 -1.54
C GLN A 133 19.94 0.96 -2.46
N THR A 134 19.62 -0.30 -2.71
CA THR A 134 20.43 -1.09 -3.61
C THR A 134 20.46 -0.49 -5.01
N TYR A 135 19.31 0.05 -5.46
CA TYR A 135 19.19 0.66 -6.77
C TYR A 135 20.15 1.85 -6.91
N TYR A 136 20.14 2.77 -5.95
CA TYR A 136 21.02 3.94 -6.06
C TYR A 136 22.48 3.51 -5.89
N ARG A 137 22.76 2.56 -4.99
CA ARG A 137 24.14 2.16 -4.75
C ARG A 137 24.78 1.56 -6.00
N SER A 138 23.97 0.92 -6.83
CA SER A 138 24.41 0.18 -8.01
C SER A 138 24.23 0.95 -9.30
N TRP A 139 23.60 2.10 -9.22
CA TRP A 139 23.32 2.87 -10.42
C TRP A 139 24.57 3.31 -11.17
N SER A 140 24.52 3.14 -12.48
CA SER A 140 25.63 3.50 -13.36
C SER A 140 25.24 4.76 -14.18
N PRO A 141 25.99 5.85 -14.01
CA PRO A 141 25.61 7.09 -14.69
C PRO A 141 25.60 6.95 -16.21
N VAL A 142 24.59 7.54 -16.84
CA VAL A 142 24.48 7.61 -18.28
C VAL A 142 25.26 8.77 -18.88
N TYR A 143 25.33 9.90 -18.16
CA TYR A 143 25.98 11.14 -18.59
C TYR A 143 26.83 11.64 -17.42
N PRO A 144 27.86 12.42 -17.72
CA PRO A 144 28.64 13.05 -16.65
C PRO A 144 27.72 13.98 -15.84
N ALA A 145 28.00 14.06 -14.54
CA ALA A 145 27.21 14.88 -13.64
C ALA A 145 27.15 16.32 -14.13
N GLY A 146 25.97 16.93 -14.05
CA GLY A 146 25.81 18.34 -14.34
C GLY A 146 25.63 18.68 -15.80
N THR A 147 25.69 17.69 -16.68
CA THR A 147 25.69 17.97 -18.11
C THR A 147 24.35 17.81 -18.82
N HIS A 148 23.47 16.98 -18.23
CA HIS A 148 22.20 16.69 -18.85
C HIS A 148 21.08 16.77 -17.85
N ARG A 149 19.96 17.30 -18.30
CA ARG A 149 18.74 17.35 -17.49
C ARG A 149 17.81 16.26 -17.98
N GLN A 150 17.47 15.35 -17.09
CA GLN A 150 16.50 14.30 -17.37
C GLN A 150 15.52 14.31 -16.21
N TYR A 151 14.36 14.88 -16.47
CA TYR A 151 13.33 14.99 -15.43
C TYR A 151 13.09 13.63 -14.79
N SER A 152 13.05 13.58 -13.48
CA SER A 152 13.18 12.30 -12.76
C SER A 152 12.60 12.34 -11.36
N ASN A 153 11.67 11.42 -11.09
CA ASN A 153 11.18 11.26 -9.75
C ASN A 153 12.24 10.72 -8.79
N PRO A 154 13.01 9.68 -9.22
CA PRO A 154 14.08 9.24 -8.32
C PRO A 154 15.08 10.32 -7.92
N SER A 155 15.33 11.25 -8.83
CA SER A 155 16.34 12.28 -8.58
C SER A 155 15.89 13.26 -7.49
N ILE A 156 14.79 13.98 -7.74
CA ILE A 156 14.35 14.92 -6.74
C ILE A 156 13.80 14.21 -5.50
N GLY A 157 13.26 13.02 -5.69
CA GLY A 157 12.82 12.25 -4.54
C GLY A 157 13.93 12.00 -3.55
N LEU A 158 15.09 11.55 -4.03
CA LEU A 158 16.19 11.29 -3.14
C LEU A 158 16.68 12.58 -2.52
N PHE A 159 16.66 13.67 -3.27
CA PHE A 159 17.04 14.97 -2.71
C PHE A 159 16.17 15.31 -1.48
N GLY A 160 14.85 15.18 -1.63
CA GLY A 160 13.99 15.51 -0.51
C GLY A 160 14.21 14.62 0.70
N HIS A 161 14.36 13.32 0.41
CA HIS A 161 14.55 12.33 1.47
C HIS A 161 15.84 12.59 2.24
N LEU A 162 16.91 12.85 1.50
CA LEU A 162 18.18 13.12 2.15
C LEU A 162 18.20 14.47 2.87
N ALA A 163 17.54 15.47 2.28
CA ALA A 163 17.49 16.79 2.89
C ALA A 163 16.81 16.71 4.26
N ALA A 164 15.69 15.99 4.32
CA ALA A 164 15.02 15.82 5.62
C ALA A 164 15.91 15.06 6.62
N ASN A 165 16.56 14.01 6.15
CA ASN A 165 17.44 13.26 7.03
C ASN A 165 18.59 14.09 7.54
N SER A 166 19.00 15.11 6.81
CA SER A 166 20.11 15.93 7.26
C SER A 166 19.76 16.75 8.50
N LEU A 167 18.46 16.89 8.77
CA LEU A 167 17.98 17.52 10.01
C LEU A 167 17.49 16.51 11.04
N GLY A 168 17.66 15.24 10.74
CA GLY A 168 17.38 14.18 11.67
C GLY A 168 15.93 13.71 11.66
N GLN A 169 15.18 13.98 10.59
CA GLN A 169 13.77 13.62 10.54
C GLN A 169 13.37 12.95 9.27
N PRO A 170 12.36 12.10 9.32
CA PRO A 170 11.76 11.65 8.07
C PRO A 170 11.13 12.83 7.32
N PHE A 171 11.07 12.68 6.01
CA PHE A 171 10.48 13.69 5.14
C PHE A 171 9.09 14.08 5.57
N GLU A 172 8.21 13.10 5.85
CA GLU A 172 6.80 13.41 6.13
C GLU A 172 6.68 14.21 7.39
N GLN A 173 7.56 13.93 8.37
CA GLN A 173 7.51 14.68 9.62
C GLN A 173 7.97 16.12 9.42
N LEU A 174 9.09 16.31 8.74
CA LEU A 174 9.64 17.66 8.57
C LEU A 174 8.64 18.49 7.71
N MET A 175 8.03 17.88 6.71
CA MET A 175 7.03 18.57 5.89
C MET A 175 5.81 18.97 6.70
N SER A 176 5.25 18.00 7.42
CA SER A 176 3.97 18.22 8.09
C SER A 176 4.06 18.99 9.39
N GLN A 177 5.19 18.90 10.09
CA GLN A 177 5.32 19.54 11.41
C GLN A 177 6.09 20.85 11.40
N THR A 178 6.88 21.07 10.35
CA THR A 178 7.70 22.25 10.27
C THR A 178 7.39 23.06 9.00
N LEU A 179 7.55 22.50 7.80
CA LEU A 179 7.47 23.36 6.64
C LEU A 179 6.05 23.88 6.39
N LEU A 180 5.07 22.99 6.35
CA LEU A 180 3.72 23.42 6.05
C LEU A 180 3.17 24.37 7.09
N PRO A 181 3.35 24.07 8.39
CA PRO A 181 2.87 25.05 9.37
C PRO A 181 3.57 26.41 9.29
N LYS A 182 4.87 26.43 9.01
CA LYS A 182 5.55 27.70 8.94
C LYS A 182 5.10 28.52 7.73
N LEU A 183 4.67 27.84 6.67
CA LEU A 183 4.17 28.52 5.48
C LEU A 183 2.71 28.92 5.68
N GLY A 184 2.10 28.45 6.75
CA GLY A 184 0.69 28.75 7.03
C GLY A 184 -0.28 27.88 6.24
N LEU A 185 0.17 26.71 5.81
CA LEU A 185 -0.65 25.78 5.05
C LEU A 185 -1.16 24.72 6.01
N HIS A 186 -2.38 24.93 6.52
CA HIS A 186 -2.93 24.01 7.51
C HIS A 186 -3.98 23.07 6.94
N HIS A 187 -4.18 23.09 5.62
CA HIS A 187 -5.20 22.23 5.01
C HIS A 187 -4.46 21.56 3.79
N THR A 188 -3.18 21.20 3.98
CA THR A 188 -2.31 20.58 2.95
C THR A 188 -1.65 19.32 3.52
N TYR A 189 -1.68 18.20 2.82
CA TYR A 189 -1.32 16.93 3.43
C TYR A 189 -0.54 16.04 2.50
N ILE A 190 0.33 15.20 3.06
CA ILE A 190 0.86 14.05 2.33
C ILE A 190 -0.14 12.88 2.41
N GLN A 191 -0.61 12.61 3.63
CA GLN A 191 -1.70 11.63 3.83
C GLN A 191 -2.88 12.38 4.38
N VAL A 192 -3.97 12.33 3.63
CA VAL A 192 -5.17 13.02 4.07
C VAL A 192 -5.73 12.30 5.32
N PRO A 193 -5.86 13.03 6.41
CA PRO A 193 -6.42 12.41 7.63
C PRO A 193 -7.93 12.18 7.52
N GLU A 194 -8.47 11.32 8.38
CA GLU A 194 -9.90 11.01 8.30
C GLU A 194 -10.75 12.26 8.45
N SER A 195 -10.32 13.19 9.27
CA SER A 195 -11.06 14.40 9.52
C SER A 195 -11.20 15.28 8.27
N ALA A 196 -10.34 15.09 7.27
CA ALA A 196 -10.38 15.94 6.07
C ALA A 196 -10.90 15.17 4.87
N MET A 197 -11.20 13.89 5.06
CA MET A 197 -11.57 13.04 3.95
C MET A 197 -12.82 13.53 3.21
N ALA A 198 -13.72 14.22 3.90
CA ALA A 198 -14.92 14.72 3.27
C ALA A 198 -14.64 15.76 2.19
N ASN A 199 -13.46 16.38 2.27
CA ASN A 199 -13.06 17.39 1.28
C ASN A 199 -12.24 16.81 0.14
N TYR A 200 -11.87 15.54 0.19
CA TYR A 200 -10.97 14.97 -0.78
C TYR A 200 -11.75 14.56 -2.01
N ALA A 201 -11.44 15.17 -3.16
CA ALA A 201 -12.01 14.81 -4.44
C ALA A 201 -11.65 13.38 -4.81
N TYR A 202 -12.38 12.83 -5.77
CA TYR A 202 -11.89 11.70 -6.55
C TYR A 202 -11.37 12.25 -7.87
N GLY A 203 -10.37 11.53 -8.41
CA GLY A 203 -9.88 11.74 -9.75
C GLY A 203 -10.60 10.82 -10.69
N TYR A 204 -10.55 11.10 -11.98
CA TYR A 204 -11.30 10.32 -12.97
C TYR A 204 -10.38 9.84 -14.08
N SER A 205 -10.37 8.53 -14.29
CA SER A 205 -9.53 7.92 -15.32
C SER A 205 -10.10 8.17 -16.71
N LYS A 206 -9.36 7.74 -17.74
CA LYS A 206 -9.87 7.90 -19.10
C LYS A 206 -11.17 7.12 -19.30
N GLU A 207 -11.41 6.11 -18.47
CA GLU A 207 -12.66 5.37 -18.51
C GLU A 207 -13.69 5.89 -17.53
N ASP A 208 -13.45 7.10 -17.01
CA ASP A 208 -14.36 7.76 -16.10
C ASP A 208 -14.62 7.00 -14.82
N LYS A 209 -13.63 6.25 -14.36
CA LYS A 209 -13.74 5.60 -13.07
C LYS A 209 -13.04 6.43 -12.01
N PRO A 210 -13.57 6.43 -10.78
CA PRO A 210 -13.00 7.24 -9.72
C PRO A 210 -11.74 6.62 -9.17
N ILE A 211 -10.63 7.38 -9.12
CA ILE A 211 -9.33 6.87 -8.72
C ILE A 211 -8.63 7.89 -7.86
N ARG A 212 -7.69 7.41 -7.06
CA ARG A 212 -6.83 8.22 -6.22
C ARG A 212 -5.42 7.67 -6.31
N ALA A 213 -4.50 8.43 -5.70
CA ALA A 213 -3.08 8.23 -5.91
C ALA A 213 -2.58 6.86 -5.54
N THR A 214 -1.57 6.42 -6.24
CA THR A 214 -0.93 5.13 -5.99
C THR A 214 0.24 5.33 -5.00
N PRO A 215 0.23 4.62 -3.86
CA PRO A 215 1.38 4.71 -2.97
C PRO A 215 2.64 4.21 -3.65
N GLY A 216 3.82 4.69 -3.24
CA GLY A 216 5.06 4.23 -3.87
C GLY A 216 6.27 4.82 -3.23
N VAL A 217 7.45 4.32 -3.64
CA VAL A 217 8.72 4.74 -3.08
C VAL A 217 9.02 6.20 -3.47
N LEU A 218 9.22 7.01 -2.44
CA LEU A 218 9.45 8.45 -2.56
C LEU A 218 8.30 9.17 -3.24
N ALA A 219 7.10 8.61 -3.18
CA ALA A 219 5.93 9.28 -3.72
C ALA A 219 5.65 10.58 -3.01
N ALA A 220 5.79 10.63 -1.70
CA ALA A 220 5.55 11.84 -0.93
C ALA A 220 6.37 12.98 -1.47
N GLU A 221 7.67 12.72 -1.64
CA GLU A 221 8.64 13.73 -2.10
C GLU A 221 8.38 14.13 -3.54
N ALA A 222 8.01 13.21 -4.41
CA ALA A 222 7.95 13.50 -5.83
C ALA A 222 6.60 13.95 -6.35
N TYR A 223 5.51 13.47 -5.76
CA TYR A 223 4.19 13.77 -6.34
C TYR A 223 3.04 13.57 -5.37
N GLY A 224 3.28 13.62 -4.07
CA GLY A 224 2.31 13.15 -3.08
C GLY A 224 1.41 14.10 -2.34
N ILE A 225 1.48 15.40 -2.58
CA ILE A 225 0.70 16.37 -1.83
C ILE A 225 -0.76 16.45 -2.32
N LYS A 226 -1.67 16.53 -1.35
CA LYS A 226 -3.07 16.84 -1.58
C LYS A 226 -3.36 18.21 -0.94
N THR A 227 -3.96 19.12 -1.71
CA THR A 227 -4.28 20.44 -1.19
C THR A 227 -5.37 21.06 -2.05
N GLY A 228 -5.97 22.14 -1.56
CA GLY A 228 -6.89 22.94 -2.34
C GLY A 228 -6.28 24.20 -2.91
N SER A 229 -7.07 24.88 -3.71
CA SER A 229 -6.54 26.01 -4.41
C SER A 229 -6.19 27.16 -3.49
N ALA A 230 -6.91 27.31 -2.40
CA ALA A 230 -6.60 28.39 -1.46
C ALA A 230 -5.25 28.19 -0.74
N ASP A 231 -4.99 27.00 -0.24
CA ASP A 231 -3.68 26.74 0.35
C ASP A 231 -2.58 26.83 -0.68
N LEU A 232 -2.79 26.32 -1.86
CA LEU A 232 -1.73 26.38 -2.84
C LEU A 232 -1.44 27.81 -3.26
N LEU A 233 -2.46 28.64 -3.41
CA LEU A 233 -2.23 30.02 -3.73
C LEU A 233 -1.52 30.73 -2.59
N LYS A 234 -1.78 30.35 -1.34
CA LYS A 234 -1.03 30.90 -0.21
CA LYS A 234 -1.03 30.90 -0.22
C LYS A 234 0.47 30.58 -0.31
N PHE A 235 0.82 29.38 -0.75
CA PHE A 235 2.22 29.05 -0.99
C PHE A 235 2.78 29.91 -2.10
N VAL A 236 2.02 30.11 -3.18
CA VAL A 236 2.46 31.01 -4.25
C VAL A 236 2.66 32.40 -3.70
N GLU A 237 1.74 32.89 -2.86
CA GLU A 237 1.93 34.23 -2.28
C GLU A 237 3.25 34.34 -1.51
N ALA A 238 3.63 33.26 -0.83
CA ALA A 238 4.90 33.27 -0.12
C ALA A 238 6.10 33.36 -1.08
N ASN A 239 5.92 32.91 -2.30
CA ASN A 239 6.90 33.02 -3.35
C ASN A 239 6.91 34.41 -4.02
N MET A 240 5.91 35.24 -3.73
CA MET A 240 5.81 36.56 -4.34
C MET A 240 6.52 37.59 -3.49
N GLY A 241 6.44 37.39 -2.17
CA GLY A 241 7.11 38.20 -1.16
C GLY A 241 6.65 37.59 0.15
N TYR A 242 7.59 37.03 0.91
CA TYR A 242 7.27 36.40 2.19
C TYR A 242 8.02 37.19 3.22
N GLN A 243 7.41 37.34 4.39
CA GLN A 243 8.02 38.03 5.48
C GLN A 243 7.73 37.21 6.71
N GLY A 244 8.78 36.90 7.45
CA GLY A 244 8.61 36.18 8.67
C GLY A 244 9.91 35.51 9.01
N ASP A 245 9.85 34.19 9.12
CA ASP A 245 10.98 33.37 9.49
C ASP A 245 12.10 33.64 8.47
N ALA A 246 13.23 34.15 8.93
CA ALA A 246 14.34 34.49 8.05
C ALA A 246 14.81 33.24 7.29
N ALA A 247 14.78 32.10 7.95
CA ALA A 247 15.30 30.89 7.32
C ALA A 247 14.37 30.46 6.19
N LEU A 248 13.08 30.56 6.43
CA LEU A 248 12.10 30.20 5.40
C LEU A 248 12.15 31.21 4.24
N LYS A 249 12.38 32.48 4.56
CA LYS A 249 12.53 33.49 3.52
C LYS A 249 13.73 33.13 2.62
N SER A 250 14.85 32.78 3.24
CA SER A 250 16.05 32.36 2.51
C SER A 250 15.83 31.10 1.73
N ALA A 251 15.03 30.18 2.29
CA ALA A 251 14.76 28.94 1.59
C ALA A 251 13.96 29.19 0.30
N ILE A 252 12.95 30.04 0.40
CA ILE A 252 12.16 30.36 -0.78
C ILE A 252 13.05 31.04 -1.82
N ALA A 253 13.90 31.97 -1.39
CA ALA A 253 14.83 32.59 -2.32
C ALA A 253 15.70 31.59 -3.04
N LEU A 254 16.19 30.58 -2.34
CA LEU A 254 17.00 29.57 -2.99
C LEU A 254 16.22 28.83 -4.05
N THR A 255 14.91 28.69 -3.87
CA THR A 255 14.10 28.00 -4.89
C THR A 255 14.00 28.82 -6.20
N HIS A 256 14.30 30.11 -6.09
CA HIS A 256 14.29 31.03 -7.24
C HIS A 256 15.69 31.20 -7.81
N THR A 257 16.63 30.37 -7.37
CA THR A 257 17.96 30.33 -7.96
C THR A 257 17.95 29.41 -9.15
N GLY A 258 18.61 29.80 -10.24
CA GLY A 258 18.72 28.98 -11.42
C GLY A 258 20.06 28.26 -11.44
N PHE A 259 20.04 27.00 -11.83
CA PHE A 259 21.23 26.15 -11.85
C PHE A 259 21.75 25.82 -13.24
N HIS A 260 20.85 25.78 -14.22
CA HIS A 260 21.20 25.53 -15.61
C HIS A 260 19.97 25.89 -16.41
N SER A 261 20.08 25.91 -17.72
CA SER A 261 18.93 26.13 -18.60
CA SER A 261 18.91 26.09 -18.58
C SER A 261 18.84 25.08 -19.69
N VAL A 262 17.63 24.84 -20.18
CA VAL A 262 17.37 24.04 -21.37
C VAL A 262 16.53 24.93 -22.26
N GLY A 263 17.11 25.37 -23.37
CA GLY A 263 16.45 26.38 -24.16
C GLY A 263 16.08 27.57 -23.32
N GLU A 264 14.83 28.01 -23.41
CA GLU A 264 14.37 29.19 -22.71
C GLU A 264 13.91 28.95 -21.28
N MET A 265 14.01 27.71 -20.81
CA MET A 265 13.59 27.35 -19.43
C MET A 265 14.82 27.28 -18.55
N THR A 266 14.77 27.92 -17.39
CA THR A 266 15.81 27.82 -16.37
C THR A 266 15.32 26.95 -15.22
N GLN A 267 16.12 25.95 -14.85
CA GLN A 267 15.78 25.02 -13.81
C GLN A 267 16.23 25.53 -12.45
N GLY A 268 15.28 25.74 -11.55
CA GLY A 268 15.53 26.05 -10.16
C GLY A 268 15.36 24.83 -9.27
N LEU A 269 15.16 25.08 -7.98
CA LEU A 269 14.80 23.99 -7.10
C LEU A 269 13.30 23.88 -7.15
N GLY A 270 12.76 22.86 -7.80
CA GLY A 270 11.31 22.71 -7.96
C GLY A 270 10.77 23.56 -9.10
N TRP A 271 10.78 24.86 -8.87
CA TRP A 271 10.31 25.82 -9.89
C TRP A 271 11.15 25.81 -11.16
N GLU A 272 10.47 25.90 -12.31
CA GLU A 272 11.07 26.13 -13.63
C GLU A 272 10.65 27.54 -14.04
N SER A 273 11.53 28.34 -14.66
CA SER A 273 11.14 29.69 -14.99
C SER A 273 11.62 30.15 -16.36
N TYR A 274 11.00 31.25 -16.78
CA TYR A 274 11.16 31.86 -18.08
C TYR A 274 11.36 33.36 -17.87
N ASP A 275 12.14 33.98 -18.75
CA ASP A 275 12.22 35.44 -18.82
C ASP A 275 10.83 35.95 -19.15
N TYR A 276 10.45 37.04 -18.50
CA TYR A 276 9.12 37.62 -18.70
C TYR A 276 9.31 38.94 -19.46
N PRO A 277 8.43 39.24 -20.44
CA PRO A 277 7.27 38.48 -20.89
C PRO A 277 7.67 37.23 -21.66
N VAL A 278 6.82 36.20 -21.63
CA VAL A 278 7.08 34.95 -22.30
C VAL A 278 5.92 34.61 -23.22
N THR A 279 6.19 34.18 -24.43
CA THR A 279 5.13 33.81 -25.35
C THR A 279 4.50 32.47 -24.98
N GLU A 280 3.29 32.27 -25.46
CA GLU A 280 2.65 30.98 -25.36
C GLU A 280 3.52 29.88 -25.95
N GLN A 281 4.09 30.12 -27.13
CA GLN A 281 4.87 29.09 -27.79
C GLN A 281 6.06 28.65 -26.94
N VAL A 282 6.74 29.61 -26.36
CA VAL A 282 7.91 29.28 -25.53
C VAL A 282 7.48 28.51 -24.27
N LEU A 283 6.39 28.95 -23.66
CA LEU A 283 5.94 28.31 -22.42
C LEU A 283 5.47 26.89 -22.71
N LEU A 284 4.84 26.68 -23.86
CA LEU A 284 4.45 25.35 -24.25
C LEU A 284 5.65 24.44 -24.48
N ALA A 285 6.63 24.96 -25.21
CA ALA A 285 7.82 24.18 -25.53
C ALA A 285 8.57 23.73 -24.28
N GLY A 286 8.74 24.64 -23.33
CA GLY A 286 9.41 24.30 -22.08
C GLY A 286 8.72 23.23 -21.23
N ASN A 287 7.41 23.05 -21.46
CA ASN A 287 6.56 22.11 -20.77
C ASN A 287 6.15 20.94 -21.65
N SER A 288 6.81 20.78 -22.77
CA SER A 288 6.48 19.72 -23.71
C SER A 288 7.34 18.50 -23.49
N PRO A 289 6.93 17.38 -24.07
CA PRO A 289 7.72 16.15 -23.91
C PRO A 289 9.17 16.23 -24.34
N ALA A 290 9.50 17.05 -25.32
CA ALA A 290 10.88 17.20 -25.72
C ALA A 290 11.78 17.64 -24.57
N VAL A 291 11.21 18.40 -23.64
CA VAL A 291 11.92 18.80 -22.42
C VAL A 291 11.64 17.92 -21.24
N SER A 292 10.40 17.45 -21.08
CA SER A 292 10.04 16.67 -19.89
C SER A 292 10.32 15.15 -19.93
N PHE A 293 10.41 14.54 -21.10
CA PHE A 293 10.45 13.06 -21.16
C PHE A 293 11.69 12.49 -21.81
N GLN A 294 12.64 13.36 -22.14
CA GLN A 294 13.91 12.91 -22.68
C GLN A 294 15.02 13.75 -22.07
N ALA A 295 16.20 13.16 -22.04
CA ALA A 295 17.39 13.87 -21.60
C ALA A 295 17.69 14.98 -22.58
N ASN A 296 18.11 16.13 -22.07
CA ASN A 296 18.60 17.24 -22.86
C ASN A 296 19.94 17.69 -22.30
N PRO A 297 20.89 18.09 -23.14
CA PRO A 297 22.13 18.68 -22.66
C PRO A 297 21.76 20.04 -22.11
N VAL A 298 22.35 20.45 -20.99
CA VAL A 298 22.02 21.75 -20.44
C VAL A 298 22.98 22.83 -20.89
N THR A 299 22.52 24.06 -20.85
CA THR A 299 23.40 25.21 -20.84
C THR A 299 23.86 25.41 -19.40
N ARG A 300 25.14 25.16 -19.15
CA ARG A 300 25.67 25.28 -17.81
C ARG A 300 25.79 26.75 -17.43
N PHE A 301 25.65 26.98 -16.14
CA PHE A 301 25.85 28.31 -15.55
C PHE A 301 27.21 28.30 -14.85
N ALA A 302 27.96 29.38 -14.99
CA ALA A 302 29.24 29.51 -14.29
C ALA A 302 29.09 29.31 -12.77
N VAL A 303 28.05 29.95 -12.22
CA VAL A 303 27.63 29.83 -10.84
C VAL A 303 26.11 29.88 -10.81
N PRO A 304 25.48 29.27 -9.80
CA PRO A 304 24.03 29.43 -9.67
C PRO A 304 23.63 30.89 -9.55
N LYS A 305 22.51 31.25 -10.16
CA LYS A 305 22.10 32.67 -10.32
C LYS A 305 20.75 32.92 -9.67
N ALA A 306 20.60 33.98 -8.88
CA ALA A 306 19.27 34.43 -8.46
C ALA A 306 18.47 34.90 -9.68
N MET A 307 17.30 34.31 -9.95
CA MET A 307 16.61 34.63 -11.20
C MET A 307 15.75 35.89 -11.10
N GLY A 308 15.32 36.24 -9.90
CA GLY A 308 14.69 37.54 -9.72
C GLY A 308 13.21 37.56 -10.00
N GLU A 309 12.68 38.79 -10.15
CA GLU A 309 11.25 39.01 -10.15
C GLU A 309 10.60 39.10 -11.53
N GLN A 310 11.37 39.39 -12.56
CA GLN A 310 10.87 39.57 -13.92
C GLN A 310 10.94 38.25 -14.66
N ARG A 311 10.25 37.29 -14.06
CA ARG A 311 10.22 35.90 -14.54
C ARG A 311 8.81 35.38 -14.43
N LEU A 312 8.48 34.42 -15.25
CA LEU A 312 7.32 33.56 -14.98
C LEU A 312 7.87 32.26 -14.44
N TYR A 313 7.51 31.98 -13.20
CA TYR A 313 7.83 30.70 -12.55
C TYR A 313 6.63 29.75 -12.69
N ASN A 314 6.87 28.45 -12.91
CA ASN A 314 5.77 27.51 -13.06
C ASN A 314 6.14 26.12 -12.65
N LYS A 315 5.11 25.30 -12.48
CA LYS A 315 5.27 23.86 -12.35
C LYS A 315 3.99 23.13 -12.77
N THR A 316 4.15 22.10 -13.59
CA THR A 316 3.06 21.18 -13.90
C THR A 316 3.05 20.00 -12.94
N GLY A 317 1.89 19.38 -12.76
CA GLY A 317 1.84 18.15 -12.01
C GLY A 317 0.61 17.36 -12.28
N SER A 318 0.74 16.03 -12.18
CA SER A 318 -0.38 15.12 -12.44
C SER A 318 -0.24 13.87 -11.59
N THR A 319 -1.39 13.22 -11.40
CA THR A 319 -1.46 11.83 -10.95
C THR A 319 -2.41 11.11 -11.93
N GLY A 320 -2.73 9.85 -11.70
CA GLY A 320 -3.56 9.16 -12.66
C GLY A 320 -4.90 9.83 -12.92
N GLY A 321 -5.47 10.40 -11.88
CA GLY A 321 -6.80 11.01 -11.95
C GLY A 321 -6.86 12.54 -11.90
N PHE A 322 -5.70 13.20 -11.80
CA PHE A 322 -5.66 14.63 -11.50
C PHE A 322 -4.65 15.38 -12.36
N GLY A 323 -4.94 16.65 -12.62
CA GLY A 323 -4.07 17.52 -13.40
C GLY A 323 -4.02 18.91 -12.81
N ALA A 324 -2.81 19.35 -12.46
CA ALA A 324 -2.58 20.64 -11.81
C ALA A 324 -1.58 21.48 -12.61
N TYR A 325 -1.69 22.79 -12.43
CA TYR A 325 -0.69 23.71 -12.95
C TYR A 325 -0.66 24.96 -12.12
N VAL A 326 0.55 25.51 -11.91
CA VAL A 326 0.71 26.76 -11.19
C VAL A 326 1.72 27.63 -11.94
N ALA A 327 1.41 28.92 -12.05
CA ALA A 327 2.37 29.87 -12.63
C ALA A 327 2.23 31.21 -11.93
N PHE A 328 3.35 31.93 -11.77
CA PHE A 328 3.32 33.24 -11.15
C PHE A 328 4.41 34.14 -11.72
N VAL A 329 4.13 35.43 -11.65
CA VAL A 329 5.05 36.45 -12.18
C VAL A 329 5.22 37.50 -11.08
N PRO A 330 6.31 37.43 -10.29
CA PRO A 330 6.43 38.32 -9.13
C PRO A 330 6.38 39.80 -9.48
N ALA A 331 7.07 40.21 -10.53
CA ALA A 331 7.14 41.63 -10.84
C ALA A 331 5.78 42.23 -11.18
N ARG A 332 4.83 41.42 -11.65
CA ARG A 332 3.52 41.90 -12.03
C ARG A 332 2.44 41.57 -11.01
N GLY A 333 2.82 40.90 -9.91
CA GLY A 333 1.87 40.64 -8.84
C GLY A 333 0.72 39.73 -9.26
N ILE A 334 0.96 38.80 -10.18
CA ILE A 334 -0.11 37.98 -10.69
C ILE A 334 0.29 36.50 -10.59
N ALA A 335 -0.71 35.65 -10.39
CA ALA A 335 -0.48 34.21 -10.32
C ALA A 335 -1.75 33.48 -10.63
N ILE A 336 -1.59 32.22 -11.01
CA ILE A 336 -2.75 31.35 -11.21
C ILE A 336 -2.44 29.92 -10.74
N VAL A 337 -3.43 29.32 -10.09
CA VAL A 337 -3.45 27.93 -9.67
C VAL A 337 -4.65 27.28 -10.36
N MET A 338 -4.46 26.14 -11.00
CA MET A 338 -5.55 25.39 -11.61
C MET A 338 -5.44 23.94 -11.19
N LEU A 339 -6.41 23.48 -10.42
CA LEU A 339 -6.42 22.09 -9.89
C LEU A 339 -7.64 21.36 -10.44
N ALA A 340 -7.43 20.27 -11.15
CA ALA A 340 -8.53 19.50 -11.77
C ALA A 340 -8.46 18.03 -11.37
N ASN A 341 -9.64 17.41 -11.38
CA ASN A 341 -9.75 15.98 -11.13
C ASN A 341 -9.92 15.16 -12.41
N ARG A 342 -9.19 15.56 -13.46
CA ARG A 342 -8.84 14.68 -14.55
C ARG A 342 -7.40 15.04 -14.92
N ASN A 343 -6.59 14.05 -15.30
CA ASN A 343 -5.24 14.29 -15.85
C ASN A 343 -5.40 14.61 -17.34
N TYR A 344 -5.63 15.89 -17.66
CA TYR A 344 -5.89 16.34 -19.03
C TYR A 344 -4.59 16.99 -19.56
N PRO A 345 -4.49 17.19 -20.87
CA PRO A 345 -3.17 17.52 -21.45
C PRO A 345 -2.54 18.78 -20.90
N ILE A 346 -1.24 18.67 -20.63
CA ILE A 346 -0.48 19.82 -20.17
C ILE A 346 -0.57 21.02 -21.11
N GLU A 347 -0.59 20.78 -22.41
CA GLU A 347 -0.72 21.89 -23.35
C GLU A 347 -1.95 22.71 -23.10
N ALA A 348 -3.06 22.07 -22.73
CA ALA A 348 -4.29 22.81 -22.46
C ALA A 348 -4.15 23.63 -21.18
N ARG A 349 -3.49 23.05 -20.18
CA ARG A 349 -3.28 23.78 -18.94
C ARG A 349 -2.49 25.04 -19.20
N VAL A 350 -1.43 24.91 -19.98
CA VAL A 350 -0.53 26.02 -20.23
C VAL A 350 -1.20 27.10 -21.08
N LYS A 351 -1.92 26.67 -22.11
CA LYS A 351 -2.59 27.65 -22.96
C LYS A 351 -3.61 28.47 -22.15
N ALA A 352 -4.37 27.79 -21.30
CA ALA A 352 -5.39 28.47 -20.53
C ALA A 352 -4.74 29.44 -19.52
N ALA A 353 -3.73 28.96 -18.81
CA ALA A 353 -3.04 29.81 -17.84
C ALA A 353 -2.37 31.02 -18.46
N HIS A 354 -1.74 30.81 -19.62
CA HIS A 354 -1.09 31.90 -20.29
C HIS A 354 -2.10 32.94 -20.75
N ALA A 355 -3.24 32.48 -21.28
CA ALA A 355 -4.31 33.40 -21.68
C ALA A 355 -4.79 34.22 -20.51
N ILE A 356 -4.99 33.59 -19.37
CA ILE A 356 -5.49 34.32 -18.23
C ILE A 356 -4.46 35.29 -17.69
N LEU A 357 -3.23 34.84 -17.51
CA LEU A 357 -2.18 35.71 -17.03
C LEU A 357 -1.95 36.92 -17.94
N SER A 358 -1.98 36.68 -19.25
CA SER A 358 -1.81 37.79 -20.19
C SER A 358 -2.90 38.86 -19.97
N GLN A 359 -4.13 38.43 -19.75
CA GLN A 359 -5.22 39.39 -19.51
C GLN A 359 -5.05 40.09 -18.15
N LEU A 360 -4.55 39.37 -17.14
CA LEU A 360 -4.30 39.93 -15.81
C LEU A 360 -3.21 41.00 -15.80
N ALA A 361 -2.32 40.97 -16.79
CA ALA A 361 -1.25 41.96 -16.87
C ALA A 361 -1.59 43.23 -17.67
N GLU A 362 -2.66 43.24 -18.47
CA GLU A 362 -3.08 44.42 -19.29
C GLU A 362 -3.21 45.80 -18.51
N ALA B 7 11.91 -44.95 17.17
CA ALA B 7 11.83 -43.88 18.17
C ALA B 7 10.39 -43.73 18.76
N PRO B 8 10.23 -43.83 20.10
CA PRO B 8 8.85 -43.87 20.64
C PRO B 8 8.08 -42.56 20.54
N LEU B 9 6.80 -42.63 20.18
CA LEU B 9 6.04 -41.43 19.80
C LEU B 9 5.74 -40.51 20.98
N THR B 10 5.29 -41.05 22.11
CA THR B 10 5.00 -40.21 23.27
C THR B 10 6.24 -39.43 23.77
N ALA B 11 7.39 -40.10 23.88
CA ALA B 11 8.62 -39.43 24.28
C ALA B 11 9.05 -38.40 23.27
N THR B 12 8.85 -38.69 21.99
CA THR B 12 9.14 -37.72 20.94
C THR B 12 8.33 -36.46 21.13
N VAL B 13 7.01 -36.60 21.24
CA VAL B 13 6.18 -35.40 21.36
C VAL B 13 6.43 -34.66 22.68
N ASP B 14 6.41 -35.36 23.82
CA ASP B 14 6.66 -34.73 25.12
C ASP B 14 8.00 -33.99 25.13
N GLY B 15 9.03 -34.64 24.60
CA GLY B 15 10.37 -34.09 24.59
C GLY B 15 10.57 -32.80 23.82
N ILE B 16 9.70 -32.60 22.84
CA ILE B 16 9.69 -31.38 22.05
C ILE B 16 8.72 -30.34 22.63
N ILE B 17 7.52 -30.78 23.01
CA ILE B 17 6.48 -29.83 23.41
C ILE B 17 6.76 -29.25 24.83
N GLN B 18 7.06 -30.12 25.78
CA GLN B 18 7.17 -29.70 27.18
C GLN B 18 8.17 -28.57 27.44
N PRO B 19 9.40 -28.63 26.85
CA PRO B 19 10.29 -27.51 27.05
C PRO B 19 9.81 -26.16 26.46
N MET B 20 9.04 -26.25 25.37
CA MET B 20 8.55 -25.09 24.69
C MET B 20 7.44 -24.47 25.53
N LEU B 21 6.60 -25.32 26.13
CA LEU B 21 5.53 -24.85 27.01
C LEU B 21 6.15 -24.07 28.17
N LYS B 22 7.27 -24.58 28.69
CA LYS B 22 7.94 -23.92 29.82
C LYS B 22 8.60 -22.62 29.42
N ALA B 23 9.34 -22.66 28.31
CA ALA B 23 10.05 -21.48 27.81
C ALA B 23 9.13 -20.29 27.53
N TYR B 24 7.95 -20.57 26.98
CA TYR B 24 7.01 -19.52 26.61
C TYR B 24 5.84 -19.36 27.59
N ARG B 25 5.89 -20.06 28.72
CA ARG B 25 4.88 -19.96 29.77
C ARG B 25 3.48 -20.14 29.14
N ILE B 26 3.35 -21.19 28.35
CA ILE B 26 2.11 -21.49 27.64
C ILE B 26 1.19 -22.27 28.54
N PRO B 27 0.03 -21.70 28.89
CA PRO B 27 -0.69 -22.40 29.97
C PRO B 27 -1.20 -23.81 29.60
N GLY B 28 -1.63 -24.00 28.36
CA GLY B 28 -2.09 -25.29 27.89
C GLY B 28 -1.94 -25.46 26.38
N MET B 29 -1.85 -26.71 25.96
CA MET B 29 -1.74 -27.03 24.53
C MET B 29 -2.32 -28.42 24.27
N ALA B 30 -3.12 -28.50 23.21
CA ALA B 30 -3.59 -29.77 22.67
C ALA B 30 -2.82 -30.06 21.36
N VAL B 31 -2.14 -31.21 21.33
CA VAL B 31 -1.42 -31.66 20.15
C VAL B 31 -2.09 -32.91 19.63
N ALA B 32 -2.34 -32.97 18.33
CA ALA B 32 -2.83 -34.18 17.69
C ALA B 32 -1.94 -34.52 16.51
N VAL B 33 -1.65 -35.81 16.39
CA VAL B 33 -0.87 -36.27 15.25
CA VAL B 33 -0.79 -36.36 15.36
C VAL B 33 -1.54 -37.41 14.57
N LEU B 34 -1.32 -37.45 13.27
CA LEU B 34 -1.78 -38.54 12.42
C LEU B 34 -0.56 -39.34 11.96
N LYS B 35 -0.58 -40.66 12.15
CA LYS B 35 0.44 -41.53 11.63
C LYS B 35 -0.14 -42.92 11.47
N ASP B 36 0.16 -43.55 10.35
CA ASP B 36 -0.30 -44.91 10.08
C ASP B 36 -1.83 -45.04 10.16
N GLY B 37 -2.57 -43.98 9.81
CA GLY B 37 -4.02 -44.05 9.72
C GLY B 37 -4.72 -43.76 11.04
N LYS B 38 -3.94 -43.46 12.07
CA LYS B 38 -4.50 -43.29 13.42
C LYS B 38 -4.23 -41.92 13.97
N ALA B 39 -5.19 -41.38 14.71
CA ALA B 39 -5.01 -40.18 15.49
C ALA B 39 -4.41 -40.49 16.85
N HIS B 40 -3.51 -39.63 17.29
CA HIS B 40 -2.94 -39.67 18.66
C HIS B 40 -3.03 -38.29 19.29
N TYR B 41 -3.46 -38.24 20.53
CA TYR B 41 -3.66 -36.98 21.23
C TYR B 41 -2.69 -36.85 22.40
N PHE B 42 -2.05 -35.70 22.48
CA PHE B 42 -1.13 -35.32 23.56
C PHE B 42 -1.59 -33.98 24.13
N ASN B 43 -2.03 -34.00 25.38
CA ASN B 43 -2.65 -32.85 26.03
C ASN B 43 -1.82 -32.38 27.22
N TYR B 44 -1.56 -31.08 27.24
CA TYR B 44 -0.73 -30.43 28.26
C TYR B 44 -1.41 -29.24 28.93
N GLY B 45 -1.32 -29.18 30.28
CA GLY B 45 -1.58 -27.95 30.99
C GLY B 45 -3.04 -27.64 31.11
N VAL B 46 -3.38 -26.35 31.19
CA VAL B 46 -4.74 -25.93 31.54
C VAL B 46 -5.35 -25.03 30.47
N ALA B 47 -6.65 -25.25 30.27
CA ALA B 47 -7.49 -24.43 29.40
C ALA B 47 -7.85 -23.12 30.06
N ASN B 48 -7.90 -23.13 31.41
CA ASN B 48 -8.32 -22.00 32.21
C ASN B 48 -7.43 -22.01 33.45
N ARG B 49 -6.57 -21.01 33.58
CA ARG B 49 -5.63 -20.96 34.67
C ARG B 49 -6.35 -20.78 36.01
N GLU B 50 -7.33 -19.88 36.06
CA GLU B 50 -8.07 -19.65 37.31
C GLU B 50 -8.74 -20.91 37.83
N SER B 51 -9.47 -21.59 36.97
CA SER B 51 -10.28 -22.74 37.36
C SER B 51 -9.48 -24.03 37.38
N GLY B 52 -8.36 -24.07 36.66
CA GLY B 52 -7.52 -25.26 36.60
C GLY B 52 -8.00 -26.35 35.66
N GLN B 53 -9.06 -26.09 34.90
CA GLN B 53 -9.57 -27.08 33.95
C GLN B 53 -8.47 -27.50 32.98
N ARG B 54 -8.27 -28.80 32.87
CA ARG B 54 -7.20 -29.33 32.05
C ARG B 54 -7.59 -29.33 30.56
N VAL B 55 -6.60 -29.13 29.72
CA VAL B 55 -6.75 -29.30 28.27
C VAL B 55 -7.01 -30.74 27.88
N SER B 56 -7.93 -30.94 26.94
CA SER B 56 -8.08 -32.22 26.26
C SER B 56 -8.21 -31.95 24.77
N GLU B 57 -8.36 -33.01 23.98
CA GLU B 57 -8.59 -32.86 22.56
C GLU B 57 -10.00 -32.34 22.25
N GLN B 58 -10.84 -32.20 23.28
CA GLN B 58 -12.15 -31.56 23.16
C GLN B 58 -12.16 -30.10 23.64
N THR B 59 -11.05 -29.58 24.19
CA THR B 59 -10.97 -28.18 24.55
C THR B 59 -11.05 -27.32 23.30
N LEU B 60 -11.87 -26.27 23.37
CA LEU B 60 -11.95 -25.34 22.24
C LEU B 60 -10.91 -24.24 22.37
N PHE B 61 -10.11 -24.08 21.31
CA PHE B 61 -9.12 -23.02 21.21
C PHE B 61 -9.52 -22.13 20.06
N GLU B 62 -9.19 -20.87 20.17
CA GLU B 62 -9.18 -20.00 19.00
C GLU B 62 -8.01 -20.39 18.09
N ILE B 63 -8.28 -20.75 16.84
CA ILE B 63 -7.22 -21.16 15.90
C ILE B 63 -6.73 -20.00 15.03
N GLY B 64 -7.31 -18.82 15.20
CA GLY B 64 -6.81 -17.66 14.49
C GLY B 64 -6.86 -17.89 12.99
N SER B 65 -5.79 -17.47 12.30
CA SER B 65 -5.74 -17.60 10.86
C SER B 65 -5.71 -19.02 10.28
N VAL B 66 -5.63 -20.09 11.09
CA VAL B 66 -5.88 -21.43 10.57
C VAL B 66 -7.31 -21.48 10.04
N SER B 67 -8.17 -20.60 10.54
CA SER B 67 -9.53 -20.46 10.03
C SER B 67 -9.57 -20.22 8.52
N LYS B 68 -8.53 -19.55 7.99
CA LYS B 68 -8.49 -19.27 6.58
C LYS B 68 -8.53 -20.51 5.71
N THR B 69 -8.09 -21.65 6.25
CA THR B 69 -8.16 -22.91 5.49
C THR B 69 -9.60 -23.39 5.38
N LEU B 70 -10.41 -23.17 6.41
CA LEU B 70 -11.83 -23.48 6.33
C LEU B 70 -12.59 -22.48 5.47
N THR B 71 -12.24 -21.19 5.59
CA THR B 71 -12.85 -20.19 4.74
C THR B 71 -12.54 -20.51 3.28
N ALA B 72 -11.29 -20.89 3.00
CA ALA B 72 -10.91 -21.24 1.64
C ALA B 72 -11.68 -22.45 1.11
N THR B 73 -11.90 -23.42 1.98
CA THR B 73 -12.65 -24.64 1.59
C THR B 73 -14.11 -24.27 1.28
N LEU B 74 -14.68 -23.36 2.09
CA LEU B 74 -16.03 -22.85 1.84
C LEU B 74 -16.07 -22.14 0.50
N GLY B 75 -15.09 -21.31 0.24
CA GLY B 75 -15.05 -20.59 -1.02
C GLY B 75 -14.94 -21.52 -2.22
N ALA B 76 -14.07 -22.51 -2.10
CA ALA B 76 -13.91 -23.52 -3.14
C ALA B 76 -15.22 -24.29 -3.36
N TYR B 77 -15.92 -24.63 -2.29
CA TYR B 77 -17.18 -25.33 -2.38
C TYR B 77 -18.20 -24.50 -3.12
N ALA B 78 -18.27 -23.20 -2.82
CA ALA B 78 -19.18 -22.32 -3.54
C ALA B 78 -18.82 -22.24 -5.03
N ALA B 79 -17.53 -22.25 -5.36
CA ALA B 79 -17.13 -22.24 -6.77
C ALA B 79 -17.58 -23.54 -7.45
N VAL B 80 -17.36 -24.65 -6.78
CA VAL B 80 -17.74 -25.95 -7.33
C VAL B 80 -19.25 -26.03 -7.57
N LYS B 81 -20.03 -25.41 -6.67
CA LYS B 81 -21.50 -25.38 -6.78
C LYS B 81 -21.99 -24.33 -7.76
N GLY B 82 -21.08 -23.60 -8.37
CA GLY B 82 -21.44 -22.69 -9.44
C GLY B 82 -21.71 -21.27 -9.00
N GLY B 83 -21.39 -20.91 -7.76
CA GLY B 83 -21.58 -19.53 -7.32
C GLY B 83 -20.75 -18.52 -8.07
N PHE B 84 -19.55 -18.93 -8.46
CA PHE B 84 -18.62 -18.06 -9.17
C PHE B 84 -17.53 -18.92 -9.78
N GLU B 85 -16.78 -18.35 -10.74
CA GLU B 85 -15.56 -18.96 -11.26
C GLU B 85 -14.39 -18.22 -10.59
N LEU B 86 -13.33 -18.93 -10.18
CA LEU B 86 -12.16 -18.29 -9.57
C LEU B 86 -11.57 -17.14 -10.40
N ASP B 87 -11.66 -17.19 -11.71
CA ASP B 87 -11.10 -16.12 -12.53
CA ASP B 87 -11.11 -16.15 -12.56
C ASP B 87 -12.09 -14.99 -12.82
N ASP B 88 -13.29 -15.05 -12.26
CA ASP B 88 -14.24 -13.94 -12.37
C ASP B 88 -13.69 -12.71 -11.65
N LYS B 89 -14.02 -11.52 -12.15
CA LYS B 89 -13.68 -10.28 -11.46
C LYS B 89 -14.55 -10.18 -10.22
N VAL B 90 -13.95 -9.68 -9.17
CA VAL B 90 -14.63 -9.55 -7.88
C VAL B 90 -15.93 -8.76 -7.99
N SER B 91 -15.93 -7.68 -8.78
CA SER B 91 -17.12 -6.86 -8.84
C SER B 91 -18.24 -7.54 -9.60
N GLN B 92 -17.97 -8.65 -10.30
CA GLN B 92 -19.04 -9.47 -10.85
CA GLN B 92 -19.06 -9.44 -10.85
C GLN B 92 -19.90 -10.10 -9.73
N HIS B 93 -19.31 -10.23 -8.53
CA HIS B 93 -19.96 -10.85 -7.36
C HIS B 93 -20.19 -9.90 -6.22
N ALA B 94 -20.13 -8.60 -6.51
CA ALA B 94 -20.32 -7.53 -5.54
C ALA B 94 -20.73 -6.26 -6.30
N PRO B 95 -22.03 -6.04 -6.46
CA PRO B 95 -22.56 -4.92 -7.24
C PRO B 95 -22.04 -3.58 -6.74
N TRP B 96 -21.88 -3.52 -5.42
CA TRP B 96 -21.37 -2.31 -4.79
C TRP B 96 -19.91 -2.00 -5.05
N LEU B 97 -19.20 -2.92 -5.72
CA LEU B 97 -17.82 -2.71 -6.12
C LEU B 97 -17.64 -2.42 -7.63
N LYS B 98 -18.73 -2.38 -8.39
CA LYS B 98 -18.60 -2.00 -9.80
C LYS B 98 -18.04 -0.62 -9.93
N GLY B 99 -17.04 -0.46 -10.79
CA GLY B 99 -16.39 0.82 -11.02
C GLY B 99 -15.18 1.09 -10.17
N SER B 100 -14.95 0.23 -9.18
CA SER B 100 -13.80 0.32 -8.30
C SER B 100 -12.63 -0.47 -8.84
N ALA B 101 -11.55 -0.52 -8.09
CA ALA B 101 -10.38 -1.31 -8.49
C ALA B 101 -10.76 -2.79 -8.66
N PHE B 102 -11.83 -3.24 -8.01
CA PHE B 102 -12.19 -4.66 -8.02
C PHE B 102 -12.83 -5.10 -9.33
N ASP B 103 -13.02 -4.17 -10.27
CA ASP B 103 -13.31 -4.57 -11.65
C ASP B 103 -12.11 -5.28 -12.25
N GLY B 104 -10.92 -5.06 -11.71
CA GLY B 104 -9.71 -5.60 -12.31
C GLY B 104 -9.00 -6.67 -11.48
N VAL B 105 -9.68 -7.22 -10.46
CA VAL B 105 -9.12 -8.20 -9.54
C VAL B 105 -10.00 -9.42 -9.59
N THR B 106 -9.39 -10.62 -9.63
CA THR B 106 -10.18 -11.85 -9.65
C THR B 106 -10.45 -12.41 -8.25
N MET B 107 -11.46 -13.27 -8.17
CA MET B 107 -11.72 -13.96 -6.93
C MET B 107 -10.54 -14.76 -6.43
N ALA B 108 -9.84 -15.43 -7.36
CA ALA B 108 -8.62 -16.15 -6.95
C ALA B 108 -7.55 -15.22 -6.38
N GLU B 109 -7.35 -14.03 -6.98
CA GLU B 109 -6.38 -13.10 -6.45
C GLU B 109 -6.77 -12.61 -5.06
N LEU B 110 -8.05 -12.37 -4.86
CA LEU B 110 -8.49 -11.98 -3.55
C LEU B 110 -8.20 -13.10 -2.53
N ALA B 111 -8.45 -14.37 -2.90
CA ALA B 111 -8.26 -15.47 -1.99
C ALA B 111 -6.78 -15.72 -1.66
N THR B 112 -5.87 -15.36 -2.58
CA THR B 112 -4.44 -15.65 -2.47
C THR B 112 -3.63 -14.39 -2.18
N TYR B 113 -4.28 -13.34 -1.72
CA TYR B 113 -3.59 -12.14 -1.22
C TYR B 113 -2.83 -11.38 -2.31
N SER B 114 -3.25 -11.53 -3.55
CA SER B 114 -2.52 -10.96 -4.67
C SER B 114 -3.37 -9.93 -5.44
N ALA B 115 -4.38 -9.37 -4.80
CA ALA B 115 -5.22 -8.30 -5.40
C ALA B 115 -4.42 -7.00 -5.71
N GLY B 116 -3.34 -6.75 -4.99
CA GLY B 116 -2.48 -5.60 -5.28
C GLY B 116 -2.19 -4.75 -4.06
N GLY B 117 -2.01 -5.34 -2.90
CA GLY B 117 -1.55 -4.63 -1.75
C GLY B 117 -2.62 -4.28 -0.74
N LEU B 118 -3.74 -5.01 -0.72
CA LEU B 118 -4.62 -4.92 0.45
C LEU B 118 -3.81 -5.25 1.69
N PRO B 119 -4.03 -4.48 2.77
CA PRO B 119 -3.11 -4.54 3.90
C PRO B 119 -3.35 -5.71 4.85
N LEU B 120 -2.44 -5.92 5.80
CA LEU B 120 -2.56 -6.99 6.77
C LEU B 120 -3.89 -6.96 7.52
N GLN B 121 -4.25 -5.77 8.01
CA GLN B 121 -5.49 -5.55 8.76
C GLN B 121 -6.30 -4.40 8.17
N PHE B 122 -7.59 -4.35 8.42
CA PHE B 122 -8.35 -3.16 8.10
C PHE B 122 -7.79 -1.96 8.86
N PRO B 123 -7.79 -0.79 8.21
CA PRO B 123 -7.56 0.46 8.98
C PRO B 123 -8.49 0.56 10.18
N ASP B 124 -8.04 1.22 11.25
CA ASP B 124 -8.67 1.05 12.57
C ASP B 124 -10.19 1.28 12.67
N GLU B 125 -10.64 2.32 12.01
CA GLU B 125 -12.03 2.66 11.95
C GLU B 125 -12.84 2.11 10.78
N VAL B 126 -12.25 1.17 10.07
CA VAL B 126 -13.05 0.39 9.11
C VAL B 126 -13.59 -0.76 9.91
N ASP B 127 -14.68 -0.51 10.64
CA ASP B 127 -15.18 -1.37 11.69
C ASP B 127 -16.69 -1.46 11.73
N SER B 128 -17.30 -1.18 10.60
CA SER B 128 -18.70 -1.45 10.39
C SER B 128 -18.89 -1.92 8.95
N ASN B 129 -20.03 -2.56 8.68
CA ASN B 129 -20.27 -3.10 7.35
C ASN B 129 -20.34 -1.98 6.33
N ASP B 130 -20.99 -0.87 6.70
CA ASP B 130 -21.03 0.30 5.83
C ASP B 130 -19.64 0.86 5.53
N LYS B 131 -18.82 1.02 6.56
CA LYS B 131 -17.48 1.55 6.35
C LYS B 131 -16.58 0.55 5.59
N MET B 132 -16.83 -0.74 5.78
CA MET B 132 -16.11 -1.75 5.02
C MET B 132 -16.39 -1.58 3.52
N GLN B 133 -17.65 -1.40 3.17
CA GLN B 133 -17.98 -1.20 1.77
C GLN B 133 -17.27 0.02 1.21
N THR B 134 -17.33 1.14 1.93
CA THR B 134 -16.60 2.34 1.46
C THR B 134 -15.10 2.12 1.30
N TYR B 135 -14.54 1.37 2.25
CA TYR B 135 -13.13 1.08 2.24
C TYR B 135 -12.72 0.36 0.96
N TYR B 136 -13.45 -0.70 0.59
CA TYR B 136 -13.06 -1.43 -0.61
C TYR B 136 -13.37 -0.61 -1.85
N ARG B 137 -14.51 0.08 -1.89
CA ARG B 137 -14.84 0.92 -3.04
C ARG B 137 -13.79 1.98 -3.34
N SER B 138 -13.20 2.56 -2.29
CA SER B 138 -12.23 3.63 -2.47
C SER B 138 -10.78 3.20 -2.45
N TRP B 139 -10.51 1.92 -2.27
CA TRP B 139 -9.13 1.45 -2.16
C TRP B 139 -8.32 1.66 -3.43
N SER B 140 -7.11 2.20 -3.28
CA SER B 140 -6.23 2.43 -4.42
CA SER B 140 -6.23 2.44 -4.40
C SER B 140 -5.15 1.36 -4.44
N PRO B 141 -5.08 0.56 -5.53
CA PRO B 141 -4.08 -0.51 -5.56
C PRO B 141 -2.66 0.00 -5.41
N VAL B 142 -1.85 -0.75 -4.72
CA VAL B 142 -0.45 -0.44 -4.62
C VAL B 142 0.33 -1.09 -5.77
N TYR B 143 -0.11 -2.29 -6.19
CA TYR B 143 0.56 -3.08 -7.22
C TYR B 143 -0.48 -3.56 -8.25
N PRO B 144 -0.03 -3.86 -9.47
CA PRO B 144 -0.95 -4.47 -10.42
C PRO B 144 -1.45 -5.84 -9.90
N ALA B 145 -2.69 -6.14 -10.24
CA ALA B 145 -3.32 -7.39 -9.79
C ALA B 145 -2.47 -8.58 -10.22
N GLY B 146 -2.33 -9.53 -9.32
CA GLY B 146 -1.67 -10.79 -9.60
C GLY B 146 -0.17 -10.78 -9.48
N THR B 147 0.43 -9.62 -9.22
CA THR B 147 1.89 -9.48 -9.22
C THR B 147 2.59 -9.58 -7.86
N HIS B 148 1.88 -9.30 -6.79
CA HIS B 148 2.47 -9.21 -5.47
C HIS B 148 1.57 -9.95 -4.47
N ARG B 149 2.20 -10.67 -3.54
CA ARG B 149 1.50 -11.29 -2.42
C ARG B 149 1.73 -10.47 -1.19
N GLN B 150 0.64 -9.97 -0.59
CA GLN B 150 0.71 -9.29 0.68
C GLN B 150 -0.38 -9.91 1.58
N TYR B 151 0.06 -10.74 2.50
CA TYR B 151 -0.84 -11.43 3.39
C TYR B 151 -1.80 -10.43 4.00
N SER B 152 -3.08 -10.75 4.03
CA SER B 152 -4.12 -9.76 4.22
C SER B 152 -5.44 -10.36 4.72
N ASN B 153 -5.88 -9.89 5.88
CA ASN B 153 -7.19 -10.27 6.39
C ASN B 153 -8.28 -9.65 5.52
N PRO B 154 -8.18 -8.34 5.16
CA PRO B 154 -9.22 -7.88 4.23
C PRO B 154 -9.36 -8.66 2.90
N SER B 155 -8.26 -9.20 2.38
CA SER B 155 -8.31 -9.86 1.08
C SER B 155 -9.07 -11.19 1.18
N ILE B 156 -8.60 -12.13 2.00
CA ILE B 156 -9.30 -13.41 2.08
C ILE B 156 -10.64 -13.24 2.79
N GLY B 157 -10.76 -12.27 3.68
CA GLY B 157 -12.02 -12.01 4.32
C GLY B 157 -13.11 -11.71 3.28
N LEU B 158 -12.83 -10.80 2.35
CA LEU B 158 -13.81 -10.44 1.35
C LEU B 158 -14.11 -11.66 0.46
N PHE B 159 -13.07 -12.45 0.14
CA PHE B 159 -13.30 -13.66 -0.63
C PHE B 159 -14.32 -14.57 0.02
N GLY B 160 -14.17 -14.84 1.31
CA GLY B 160 -15.10 -15.73 1.98
C GLY B 160 -16.52 -15.15 2.02
N HIS B 161 -16.61 -13.86 2.32
CA HIS B 161 -17.88 -13.15 2.42
C HIS B 161 -18.61 -13.22 1.08
N LEU B 162 -17.90 -12.89 -0.01
CA LEU B 162 -18.55 -12.91 -1.32
C LEU B 162 -18.84 -14.33 -1.79
N ALA B 163 -17.98 -15.27 -1.45
CA ALA B 163 -18.25 -16.66 -1.84
C ALA B 163 -19.53 -17.17 -1.20
N ALA B 164 -19.71 -16.90 0.09
CA ALA B 164 -20.95 -17.32 0.72
C ALA B 164 -22.14 -16.61 0.09
N ASN B 165 -22.02 -15.33 -0.20
CA ASN B 165 -23.13 -14.57 -0.79
C ASN B 165 -23.46 -15.11 -2.18
N SER B 166 -22.48 -15.67 -2.86
CA SER B 166 -22.77 -16.24 -4.17
C SER B 166 -23.70 -17.44 -4.10
N LEU B 167 -23.87 -18.05 -2.93
CA LEU B 167 -24.82 -19.16 -2.70
C LEU B 167 -26.06 -18.71 -1.95
N GLY B 168 -26.16 -17.40 -1.72
CA GLY B 168 -27.35 -16.83 -1.14
C GLY B 168 -27.44 -16.91 0.37
N GLN B 169 -26.31 -17.07 1.04
CA GLN B 169 -26.27 -17.20 2.48
C GLN B 169 -25.19 -16.36 3.11
N PRO B 170 -25.41 -15.94 4.36
CA PRO B 170 -24.30 -15.33 5.09
C PRO B 170 -23.22 -16.38 5.33
N PHE B 171 -22.00 -15.92 5.48
CA PHE B 171 -20.84 -16.78 5.72
C PHE B 171 -21.04 -17.69 6.90
N GLU B 172 -21.53 -17.18 8.04
CA GLU B 172 -21.61 -18.03 9.22
C GLU B 172 -22.63 -19.14 9.04
N GLN B 173 -23.71 -18.85 8.31
CA GLN B 173 -24.74 -19.86 8.06
C GLN B 173 -24.18 -20.97 7.18
N LEU B 174 -23.51 -20.59 6.10
CA LEU B 174 -22.99 -21.58 5.17
C LEU B 174 -21.93 -22.41 5.87
N MET B 175 -21.10 -21.78 6.69
CA MET B 175 -20.07 -22.52 7.40
C MET B 175 -20.66 -23.50 8.41
N SER B 176 -21.59 -23.02 9.23
CA SER B 176 -22.10 -23.82 10.32
C SER B 176 -23.14 -24.87 9.89
N GLN B 177 -23.89 -24.59 8.83
CA GLN B 177 -25.02 -25.46 8.46
C GLN B 177 -24.67 -26.39 7.31
N THR B 178 -23.64 -26.05 6.53
CA THR B 178 -23.26 -26.86 5.37
C THR B 178 -21.83 -27.38 5.48
N LEU B 179 -20.85 -26.49 5.54
CA LEU B 179 -19.51 -26.96 5.38
C LEU B 179 -19.03 -27.79 6.55
N LEU B 180 -19.18 -27.31 7.78
CA LEU B 180 -18.65 -28.05 8.91
C LEU B 180 -19.37 -29.39 9.07
N PRO B 181 -20.72 -29.41 8.98
CA PRO B 181 -21.34 -30.73 9.13
C PRO B 181 -20.93 -31.71 8.05
N LYS B 182 -20.78 -31.24 6.82
CA LYS B 182 -20.37 -32.14 5.74
C LYS B 182 -18.95 -32.66 5.90
N LEU B 183 -18.08 -31.88 6.53
CA LEU B 183 -16.73 -32.35 6.86
C LEU B 183 -16.70 -33.22 8.10
N GLY B 184 -17.84 -33.38 8.77
CA GLY B 184 -17.92 -34.19 9.99
C GLY B 184 -17.44 -33.46 11.24
N LEU B 185 -17.40 -32.13 11.16
CA LEU B 185 -16.89 -31.31 12.26
C LEU B 185 -18.07 -30.76 13.04
N HIS B 186 -18.48 -31.50 14.04
CA HIS B 186 -19.69 -31.15 14.79
C HIS B 186 -19.37 -30.45 16.09
N HIS B 187 -18.07 -30.21 16.34
CA HIS B 187 -17.62 -29.50 17.55
C HIS B 187 -16.65 -28.36 17.17
N THR B 188 -17.02 -27.66 16.12
CA THR B 188 -16.24 -26.55 15.58
C THR B 188 -17.21 -25.40 15.35
N TYR B 189 -16.83 -24.18 15.77
CA TYR B 189 -17.76 -23.05 15.79
C TYR B 189 -17.14 -21.75 15.40
N ILE B 190 -17.93 -20.86 14.82
CA ILE B 190 -17.60 -19.46 14.76
C ILE B 190 -18.11 -18.79 16.06
N GLN B 191 -19.39 -18.97 16.36
CA GLN B 191 -19.98 -18.53 17.63
C GLN B 191 -20.10 -19.75 18.50
N VAL B 192 -19.36 -19.81 19.59
CA VAL B 192 -19.45 -20.95 20.48
C VAL B 192 -20.81 -20.90 21.20
N PRO B 193 -21.64 -21.93 21.02
CA PRO B 193 -22.96 -21.94 21.70
C PRO B 193 -22.80 -22.11 23.21
N GLU B 194 -23.83 -21.71 23.96
CA GLU B 194 -23.75 -21.79 25.42
C GLU B 194 -23.45 -23.19 25.90
N SER B 195 -24.04 -24.18 25.25
CA SER B 195 -23.82 -25.58 25.62
C SER B 195 -22.34 -26.00 25.57
N ALA B 196 -21.53 -25.32 24.78
CA ALA B 196 -20.15 -25.75 24.59
C ALA B 196 -19.19 -24.84 25.34
N MET B 197 -19.72 -23.81 25.99
CA MET B 197 -18.87 -22.79 26.58
C MET B 197 -17.96 -23.39 27.63
N ALA B 198 -18.38 -24.50 28.23
CA ALA B 198 -17.60 -25.08 29.31
C ALA B 198 -16.29 -25.64 28.79
N ASN B 199 -16.24 -25.92 27.49
CA ASN B 199 -15.02 -26.42 26.85
C ASN B 199 -14.14 -25.33 26.30
N TYR B 200 -14.57 -24.07 26.32
CA TYR B 200 -13.85 -22.99 25.64
C TYR B 200 -12.77 -22.49 26.56
N ALA B 201 -11.52 -22.66 26.11
CA ALA B 201 -10.37 -22.13 26.84
C ALA B 201 -10.41 -20.62 26.96
N TYR B 202 -9.64 -20.08 27.88
CA TYR B 202 -9.28 -18.67 27.81
C TYR B 202 -7.90 -18.60 27.17
N GLY B 203 -7.64 -17.54 26.43
CA GLY B 203 -6.32 -17.21 25.99
C GLY B 203 -5.67 -16.31 26.99
N TYR B 204 -4.36 -16.16 26.85
CA TYR B 204 -3.57 -15.41 27.82
C TYR B 204 -2.67 -14.44 27.08
N SER B 205 -2.83 -13.17 27.43
CA SER B 205 -2.11 -12.09 26.76
C SER B 205 -0.69 -12.05 27.28
N LYS B 206 0.06 -11.09 26.75
CA LYS B 206 1.45 -10.89 27.15
C LYS B 206 1.48 -10.60 28.65
N GLU B 207 0.53 -9.79 29.11
CA GLU B 207 0.44 -9.41 30.51
C GLU B 207 -0.18 -10.50 31.38
N ASP B 208 -0.37 -11.69 30.81
CA ASP B 208 -0.89 -12.85 31.55
C ASP B 208 -2.34 -12.66 32.01
N LYS B 209 -3.09 -11.85 31.28
CA LYS B 209 -4.52 -11.67 31.57
C LYS B 209 -5.35 -12.58 30.62
N PRO B 210 -6.45 -13.19 31.14
CA PRO B 210 -7.31 -14.01 30.29
C PRO B 210 -8.08 -13.16 29.30
N ILE B 211 -8.07 -13.59 28.03
CA ILE B 211 -8.65 -12.82 26.95
C ILE B 211 -9.27 -13.79 25.96
N ARG B 212 -10.26 -13.30 25.22
CA ARG B 212 -10.88 -14.05 24.15
C ARG B 212 -11.14 -13.12 22.99
N ALA B 213 -11.31 -13.71 21.83
CA ALA B 213 -11.52 -12.95 20.61
C ALA B 213 -12.85 -12.22 20.66
N THR B 214 -12.92 -11.10 19.96
CA THR B 214 -14.12 -10.28 19.95
C THR B 214 -14.47 -9.96 18.50
N PRO B 215 -15.70 -9.46 18.32
CA PRO B 215 -16.17 -9.30 16.94
C PRO B 215 -15.44 -8.22 16.20
N GLY B 216 -15.40 -8.40 14.89
CA GLY B 216 -14.91 -7.38 14.01
C GLY B 216 -15.32 -7.70 12.60
N VAL B 217 -15.08 -6.73 11.73
CA VAL B 217 -15.44 -6.84 10.34
C VAL B 217 -14.66 -7.99 9.71
N LEU B 218 -15.42 -8.95 9.19
CA LEU B 218 -14.87 -10.15 8.51
C LEU B 218 -13.97 -10.96 9.41
N ALA B 219 -14.14 -10.82 10.71
CA ALA B 219 -13.41 -11.66 11.65
C ALA B 219 -13.71 -13.14 11.50
N ALA B 220 -14.96 -13.50 11.28
CA ALA B 220 -15.31 -14.92 11.11
C ALA B 220 -14.50 -15.53 9.98
N GLU B 221 -14.48 -14.86 8.85
CA GLU B 221 -13.78 -15.34 7.65
C GLU B 221 -12.29 -15.41 7.87
N ALA B 222 -11.73 -14.40 8.53
CA ALA B 222 -10.28 -14.31 8.55
C ALA B 222 -9.64 -15.06 9.69
N TYR B 223 -10.31 -15.15 10.82
CA TYR B 223 -9.67 -15.73 11.99
C TYR B 223 -10.61 -16.21 13.09
N GLY B 224 -11.84 -16.57 12.72
CA GLY B 224 -12.94 -16.71 13.67
C GLY B 224 -13.28 -18.07 14.23
N ILE B 225 -12.58 -19.14 13.84
CA ILE B 225 -12.96 -20.50 14.25
C ILE B 225 -12.44 -20.88 15.64
N LYS B 226 -13.29 -21.52 16.43
CA LYS B 226 -12.92 -22.17 17.68
C LYS B 226 -13.12 -23.67 17.50
N THR B 227 -12.11 -24.49 17.82
CA THR B 227 -12.22 -25.93 17.68
C THR B 227 -11.16 -26.56 18.56
N GLY B 228 -11.29 -27.87 18.76
CA GLY B 228 -10.29 -28.67 19.46
C GLY B 228 -9.41 -29.43 18.50
N SER B 229 -8.39 -30.06 19.06
CA SER B 229 -7.44 -30.77 18.24
C SER B 229 -8.06 -31.94 17.51
N ALA B 230 -9.05 -32.60 18.12
CA ALA B 230 -9.63 -33.75 17.47
C ALA B 230 -10.41 -33.36 16.21
N ASP B 231 -11.26 -32.35 16.30
CA ASP B 231 -11.99 -31.88 15.12
C ASP B 231 -11.03 -31.30 14.08
N LEU B 232 -10.03 -30.55 14.51
CA LEU B 232 -9.13 -30.01 13.54
C LEU B 232 -8.34 -31.09 12.81
N LEU B 233 -7.90 -32.11 13.53
CA LEU B 233 -7.22 -33.23 12.88
C LEU B 233 -8.16 -33.96 11.92
N LYS B 234 -9.46 -34.03 12.22
CA LYS B 234 -10.41 -34.62 11.28
C LYS B 234 -10.48 -33.83 9.98
N PHE B 235 -10.38 -32.51 10.07
CA PHE B 235 -10.34 -31.66 8.88
C PHE B 235 -9.05 -31.91 8.10
N VAL B 236 -7.94 -32.06 8.80
CA VAL B 236 -6.71 -32.47 8.14
C VAL B 236 -6.85 -33.84 7.45
N GLU B 237 -7.47 -34.81 8.11
CA GLU B 237 -7.68 -36.09 7.49
C GLU B 237 -8.46 -35.99 6.19
N ALA B 238 -9.45 -35.07 6.14
CA ALA B 238 -10.21 -34.87 4.90
C ALA B 238 -9.32 -34.36 3.78
N ASN B 239 -8.29 -33.62 4.16
CA ASN B 239 -7.28 -33.14 3.24
C ASN B 239 -6.28 -34.21 2.78
N MET B 240 -6.30 -35.38 3.43
CA MET B 240 -5.36 -36.45 3.10
C MET B 240 -6.01 -37.47 2.17
N GLY B 241 -7.33 -37.58 2.24
CA GLY B 241 -8.10 -38.46 1.36
C GLY B 241 -9.58 -38.57 1.71
N TYR B 242 -10.31 -37.48 1.52
CA TYR B 242 -11.75 -37.44 1.78
C TYR B 242 -12.49 -38.29 0.77
N GLN B 243 -13.53 -38.96 1.24
CA GLN B 243 -14.44 -39.66 0.36
C GLN B 243 -15.86 -39.39 0.85
N GLY B 244 -16.72 -39.03 -0.09
CA GLY B 244 -18.08 -38.68 0.25
C GLY B 244 -18.60 -37.76 -0.83
N ASP B 245 -19.15 -36.65 -0.38
CA ASP B 245 -19.71 -35.64 -1.26
C ASP B 245 -18.68 -35.25 -2.32
N ALA B 246 -18.99 -35.50 -3.59
CA ALA B 246 -18.08 -35.21 -4.68
C ALA B 246 -17.76 -33.72 -4.73
N ALA B 247 -18.73 -32.89 -4.38
CA ALA B 247 -18.51 -31.45 -4.42
C ALA B 247 -17.53 -31.03 -3.35
N LEU B 248 -17.66 -31.59 -2.15
CA LEU B 248 -16.72 -31.32 -1.08
C LEU B 248 -15.35 -31.88 -1.45
N LYS B 249 -15.31 -33.07 -2.05
CA LYS B 249 -14.04 -33.60 -2.48
C LYS B 249 -13.34 -32.67 -3.48
N SER B 250 -14.09 -32.17 -4.46
CA SER B 250 -13.54 -31.22 -5.40
C SER B 250 -13.10 -29.91 -4.75
N ALA B 251 -13.84 -29.49 -3.74
CA ALA B 251 -13.50 -28.24 -3.05
C ALA B 251 -12.15 -28.38 -2.35
N ILE B 252 -11.95 -29.50 -1.66
CA ILE B 252 -10.70 -29.73 -0.98
C ILE B 252 -9.57 -29.78 -1.98
N ALA B 253 -9.79 -30.45 -3.11
CA ALA B 253 -8.76 -30.48 -4.14
C ALA B 253 -8.39 -29.09 -4.65
N LEU B 254 -9.37 -28.19 -4.77
CA LEU B 254 -9.07 -26.84 -5.17
C LEU B 254 -8.20 -26.12 -4.18
N THR B 255 -8.35 -26.45 -2.90
CA THR B 255 -7.50 -25.83 -1.88
C THR B 255 -6.05 -26.27 -2.01
N HIS B 256 -5.78 -27.38 -2.70
CA HIS B 256 -4.43 -27.87 -2.98
C HIS B 256 -3.92 -27.43 -4.32
N THR B 257 -4.63 -26.52 -4.97
CA THR B 257 -4.17 -25.93 -6.21
C THR B 257 -3.26 -24.79 -5.84
N GLY B 258 -2.13 -24.62 -6.53
CA GLY B 258 -1.18 -23.53 -6.34
C GLY B 258 -1.45 -22.45 -7.38
N PHE B 259 -1.42 -21.20 -6.95
CA PHE B 259 -1.69 -20.06 -7.84
C PHE B 259 -0.49 -19.21 -8.14
N HIS B 260 0.49 -19.17 -7.24
CA HIS B 260 1.76 -18.47 -7.42
C HIS B 260 2.70 -18.96 -6.33
N SER B 261 3.95 -18.58 -6.41
CA SER B 261 4.87 -18.90 -5.35
C SER B 261 5.67 -17.69 -4.92
N VAL B 262 6.12 -17.72 -3.68
CA VAL B 262 7.09 -16.75 -3.14
C VAL B 262 8.22 -17.59 -2.57
N GLY B 263 9.36 -17.55 -3.23
CA GLY B 263 10.47 -18.41 -2.85
C GLY B 263 10.02 -19.84 -2.95
N GLU B 264 10.26 -20.61 -1.89
CA GLU B 264 9.93 -22.03 -1.87
C GLU B 264 8.49 -22.30 -1.43
N MET B 265 7.69 -21.29 -1.16
CA MET B 265 6.31 -21.50 -0.68
C MET B 265 5.36 -21.26 -1.85
N THR B 266 4.41 -22.17 -2.03
CA THR B 266 3.34 -22.06 -3.04
C THR B 266 2.04 -21.74 -2.36
N GLN B 267 1.40 -20.65 -2.81
CA GLN B 267 0.16 -20.19 -2.22
C GLN B 267 -1.03 -20.87 -2.88
N GLY B 268 -1.79 -21.61 -2.07
CA GLY B 268 -3.03 -22.20 -2.48
C GLY B 268 -4.22 -21.41 -1.99
N LEU B 269 -5.39 -22.03 -1.92
CA LEU B 269 -6.53 -21.38 -1.24
C LEU B 269 -6.43 -21.76 0.22
N GLY B 270 -6.06 -20.83 1.08
CA GLY B 270 -5.88 -21.08 2.50
C GLY B 270 -4.54 -21.73 2.82
N TRP B 271 -4.37 -22.96 2.34
CA TRP B 271 -3.13 -23.69 2.57
C TRP B 271 -1.94 -23.10 1.81
N GLU B 272 -0.79 -23.08 2.44
CA GLU B 272 0.48 -22.76 1.84
C GLU B 272 1.29 -24.05 1.83
N SER B 273 2.04 -24.33 0.76
CA SER B 273 2.77 -25.60 0.68
C SER B 273 4.18 -25.48 0.16
N TYR B 274 4.91 -26.55 0.43
CA TYR B 274 6.32 -26.72 0.11
C TYR B 274 6.52 -28.06 -0.54
N ASP B 275 7.48 -28.14 -1.47
CA ASP B 275 7.94 -29.44 -1.97
C ASP B 275 8.48 -30.28 -0.80
N TYR B 276 8.17 -31.57 -0.81
CA TYR B 276 8.59 -32.46 0.27
C TYR B 276 9.64 -33.40 -0.30
N PRO B 277 10.71 -33.70 0.44
CA PRO B 277 11.04 -33.26 1.80
C PRO B 277 11.44 -31.82 1.85
N VAL B 278 11.16 -31.17 2.97
CA VAL B 278 11.44 -29.77 3.19
C VAL B 278 12.29 -29.57 4.44
N THR B 279 13.30 -28.73 4.36
CA THR B 279 14.15 -28.49 5.51
C THR B 279 13.47 -27.52 6.51
N GLU B 280 13.92 -27.60 7.76
CA GLU B 280 13.53 -26.62 8.74
C GLU B 280 13.78 -25.21 8.29
N GLN B 281 14.95 -24.96 7.71
CA GLN B 281 15.28 -23.61 7.31
C GLN B 281 14.28 -23.06 6.28
N VAL B 282 13.92 -23.88 5.31
CA VAL B 282 12.95 -23.46 4.27
C VAL B 282 11.57 -23.19 4.91
N LEU B 283 11.12 -24.07 5.78
CA LEU B 283 9.80 -23.94 6.39
C LEU B 283 9.71 -22.73 7.29
N LEU B 284 10.79 -22.48 8.01
CA LEU B 284 10.88 -21.26 8.79
C LEU B 284 10.81 -20.01 7.94
N ALA B 285 11.56 -20.00 6.84
CA ALA B 285 11.62 -18.79 6.02
C ALA B 285 10.25 -18.44 5.42
N GLY B 286 9.56 -19.47 4.93
CA GLY B 286 8.27 -19.27 4.31
C GLY B 286 7.19 -18.81 5.28
N ASN B 287 7.42 -19.07 6.57
CA ASN B 287 6.53 -18.62 7.63
C ASN B 287 7.08 -17.44 8.43
N SER B 288 8.10 -16.78 7.90
CA SER B 288 8.75 -15.67 8.60
C SER B 288 8.17 -14.33 8.18
N PRO B 289 8.42 -13.28 8.97
CA PRO B 289 7.89 -11.95 8.62
C PRO B 289 8.23 -11.44 7.23
N ALA B 290 9.39 -11.82 6.70
CA ALA B 290 9.76 -11.37 5.37
C ALA B 290 8.71 -11.79 4.34
N VAL B 291 8.08 -12.93 4.59
CA VAL B 291 7.00 -13.44 3.72
C VAL B 291 5.60 -13.05 4.22
N SER B 292 5.39 -13.01 5.55
CA SER B 292 4.05 -12.75 6.09
C SER B 292 3.68 -11.31 6.33
N PHE B 293 4.65 -10.43 6.49
CA PHE B 293 4.31 -9.06 6.92
C PHE B 293 4.75 -7.96 5.99
N GLN B 294 5.26 -8.35 4.82
CA GLN B 294 5.54 -7.41 3.77
C GLN B 294 5.08 -8.00 2.45
N ALA B 295 4.87 -7.11 1.51
CA ALA B 295 4.62 -7.50 0.13
C ALA B 295 5.87 -8.15 -0.47
N ASN B 296 5.65 -9.18 -1.28
CA ASN B 296 6.70 -9.79 -2.08
C ASN B 296 6.17 -9.93 -3.49
N PRO B 297 7.02 -9.74 -4.49
CA PRO B 297 6.62 -10.03 -5.85
C PRO B 297 6.50 -11.53 -5.98
N VAL B 298 5.49 -11.99 -6.71
CA VAL B 298 5.34 -13.44 -6.83
C VAL B 298 6.01 -14.00 -8.05
N THR B 299 6.32 -15.27 -8.00
CA THR B 299 6.62 -16.05 -9.19
C THR B 299 5.28 -16.48 -9.75
N ARG B 300 4.91 -15.96 -10.91
CA ARG B 300 3.64 -16.28 -11.51
C ARG B 300 3.68 -17.69 -12.09
N PHE B 301 2.50 -18.29 -12.15
CA PHE B 301 2.30 -19.58 -12.75
C PHE B 301 1.60 -19.39 -14.09
N ALA B 302 2.00 -20.15 -15.09
CA ALA B 302 1.36 -20.07 -16.40
C ALA B 302 -0.16 -20.31 -16.25
N VAL B 303 -0.52 -21.36 -15.50
CA VAL B 303 -1.89 -21.70 -15.12
C VAL B 303 -1.87 -22.23 -13.67
N PRO B 304 -2.98 -22.19 -12.96
CA PRO B 304 -3.00 -22.79 -11.61
C PRO B 304 -2.69 -24.27 -11.72
N LYS B 305 -2.02 -24.82 -10.72
CA LYS B 305 -1.60 -26.21 -10.80
C LYS B 305 -1.93 -27.00 -9.57
N ALA B 306 -2.38 -28.23 -9.78
CA ALA B 306 -2.68 -29.15 -8.69
C ALA B 306 -1.35 -29.51 -8.04
N MET B 307 -1.18 -29.23 -6.76
CA MET B 307 0.14 -29.44 -6.17
C MET B 307 0.42 -30.85 -5.75
N GLY B 308 -0.60 -31.64 -5.47
CA GLY B 308 -0.40 -33.08 -5.32
C GLY B 308 -0.01 -33.47 -3.92
N GLU B 309 0.50 -34.71 -3.80
CA GLU B 309 0.61 -35.36 -2.49
C GLU B 309 1.99 -35.24 -1.87
N GLN B 310 3.00 -35.02 -2.69
CA GLN B 310 4.37 -34.95 -2.23
C GLN B 310 4.73 -33.53 -1.84
N ARG B 311 3.95 -33.03 -0.89
CA ARG B 311 4.03 -31.65 -0.40
C ARG B 311 3.85 -31.61 1.10
N LEU B 312 4.43 -30.63 1.76
CA LEU B 312 4.02 -30.30 3.12
C LEU B 312 3.11 -29.08 3.01
N TYR B 313 1.87 -29.26 3.41
CA TYR B 313 0.87 -28.19 3.46
C TYR B 313 0.83 -27.68 4.88
N ASN B 314 0.67 -26.39 5.08
CA ASN B 314 0.63 -25.84 6.44
C ASN B 314 -0.16 -24.53 6.54
N LYS B 315 -0.47 -24.16 7.78
CA LYS B 315 -0.98 -22.82 8.08
C LYS B 315 -0.75 -22.48 9.53
N THR B 316 -0.24 -21.27 9.77
CA THR B 316 -0.16 -20.69 11.10
C THR B 316 -1.42 -19.88 11.42
N GLY B 317 -1.71 -19.73 12.70
CA GLY B 317 -2.83 -18.87 13.07
C GLY B 317 -2.69 -18.40 14.50
N SER B 318 -3.15 -17.18 14.78
CA SER B 318 -3.13 -16.66 16.14
C SER B 318 -4.29 -15.69 16.36
N THR B 319 -4.56 -15.46 17.66
CA THR B 319 -5.40 -14.35 18.09
C THR B 319 -4.68 -13.72 19.26
N GLY B 320 -5.29 -12.76 19.96
CA GLY B 320 -4.58 -12.05 21.01
C GLY B 320 -4.08 -12.99 22.08
N GLY B 321 -4.83 -14.05 22.34
CA GLY B 321 -4.48 -14.99 23.40
C GLY B 321 -4.15 -16.41 23.00
N PHE B 322 -4.06 -16.69 21.69
CA PHE B 322 -3.91 -18.06 21.21
C PHE B 322 -2.90 -18.17 20.06
N GLY B 323 -2.29 -19.36 19.97
CA GLY B 323 -1.30 -19.66 18.93
C GLY B 323 -1.48 -21.08 18.44
N ALA B 324 -1.75 -21.19 17.13
CA ALA B 324 -2.02 -22.48 16.48
C ALA B 324 -1.06 -22.71 15.32
N TYR B 325 -0.88 -23.98 14.97
CA TYR B 325 -0.17 -24.40 13.75
C TYR B 325 -0.64 -25.77 13.30
N VAL B 326 -0.73 -25.97 11.98
CA VAL B 326 -1.11 -27.27 11.41
C VAL B 326 -0.22 -27.53 10.22
N ALA B 327 0.23 -28.77 10.07
CA ALA B 327 1.02 -29.16 8.89
C ALA B 327 0.77 -30.59 8.57
N PHE B 328 0.73 -30.97 7.29
CA PHE B 328 0.47 -32.34 6.89
C PHE B 328 1.18 -32.67 5.59
N VAL B 329 1.48 -33.94 5.42
CA VAL B 329 2.20 -34.44 4.25
C VAL B 329 1.42 -35.64 3.69
N PRO B 330 0.56 -35.44 2.68
CA PRO B 330 -0.33 -36.50 2.26
C PRO B 330 0.42 -37.75 1.82
N ALA B 331 1.54 -37.61 1.10
CA ALA B 331 2.21 -38.80 0.56
C ALA B 331 2.76 -39.69 1.65
N ARG B 332 3.02 -39.13 2.83
CA ARG B 332 3.60 -39.90 3.92
C ARG B 332 2.58 -40.23 5.01
N GLY B 333 1.34 -39.77 4.89
CA GLY B 333 0.31 -40.14 5.84
C GLY B 333 0.56 -39.56 7.21
N ILE B 334 1.22 -38.40 7.30
CA ILE B 334 1.52 -37.80 8.58
C ILE B 334 1.00 -36.38 8.69
N ALA B 335 0.65 -35.97 9.91
CA ALA B 335 0.14 -34.60 10.16
C ALA B 335 0.34 -34.25 11.60
N ILE B 336 0.36 -32.96 11.88
CA ILE B 336 0.36 -32.45 13.24
C ILE B 336 -0.50 -31.20 13.35
N VAL B 337 -1.22 -31.14 14.47
CA VAL B 337 -2.02 -30.00 14.92
C VAL B 337 -1.49 -29.60 16.30
N MET B 338 -1.22 -28.33 16.51
CA MET B 338 -0.77 -27.78 17.80
C MET B 338 -1.60 -26.54 18.13
N LEU B 339 -2.43 -26.63 19.18
CA LEU B 339 -3.31 -25.53 19.58
C LEU B 339 -2.93 -25.10 21.00
N ALA B 340 -2.56 -23.82 21.15
CA ALA B 340 -2.17 -23.28 22.47
C ALA B 340 -2.97 -22.03 22.83
N ASN B 341 -3.08 -21.78 24.14
CA ASN B 341 -3.72 -20.58 24.67
C ASN B 341 -2.72 -19.52 25.14
N ARG B 342 -1.62 -19.44 24.40
CA ARG B 342 -0.81 -18.24 24.32
C ARG B 342 -0.41 -17.99 22.87
N ASN B 343 -0.37 -16.72 22.43
CA ASN B 343 0.15 -16.35 21.11
C ASN B 343 1.68 -16.27 21.22
N TYR B 344 2.32 -17.43 21.10
CA TYR B 344 3.77 -17.57 21.22
C TYR B 344 4.42 -17.63 19.82
N PRO B 345 5.75 -17.42 19.74
CA PRO B 345 6.37 -17.17 18.43
C PRO B 345 6.19 -18.27 17.38
N ILE B 346 5.89 -17.83 16.18
CA ILE B 346 5.63 -18.75 15.07
C ILE B 346 6.87 -19.62 14.83
N GLU B 347 8.06 -19.04 14.97
CA GLU B 347 9.28 -19.82 14.76
C GLU B 347 9.36 -21.03 15.65
N ALA B 348 8.90 -20.89 16.89
CA ALA B 348 8.89 -22.00 17.81
C ALA B 348 7.90 -23.10 17.38
N ARG B 349 6.74 -22.65 16.87
CA ARG B 349 5.73 -23.60 16.42
C ARG B 349 6.28 -24.46 15.29
N VAL B 350 6.91 -23.77 14.34
CA VAL B 350 7.42 -24.45 13.14
C VAL B 350 8.57 -25.38 13.46
N LYS B 351 9.46 -24.95 14.35
CA LYS B 351 10.58 -25.83 14.68
C LYS B 351 10.09 -27.08 15.38
N ALA B 352 9.12 -26.91 16.29
CA ALA B 352 8.62 -28.05 17.04
C ALA B 352 7.90 -29.01 16.09
N ALA B 353 7.04 -28.45 15.23
CA ALA B 353 6.30 -29.28 14.29
C ALA B 353 7.21 -30.05 13.33
N HIS B 354 8.22 -29.35 12.81
CA HIS B 354 9.14 -29.97 11.85
C HIS B 354 9.90 -31.12 12.50
N ALA B 355 10.34 -30.93 13.75
CA ALA B 355 11.03 -31.98 14.48
C ALA B 355 10.13 -33.21 14.65
N ILE B 356 8.87 -32.99 15.02
CA ILE B 356 7.97 -34.10 15.21
C ILE B 356 7.69 -34.79 13.89
N LEU B 357 7.37 -34.02 12.85
CA LEU B 357 7.06 -34.64 11.56
C LEU B 357 8.25 -35.42 11.00
N SER B 358 9.44 -34.90 11.23
CA SER B 358 10.63 -35.60 10.81
C SER B 358 10.73 -36.96 11.48
N GLN B 359 10.36 -37.02 12.75
CA GLN B 359 10.35 -38.30 13.47
C GLN B 359 9.25 -39.21 12.96
N LEU B 360 8.09 -38.64 12.66
CA LEU B 360 6.96 -39.46 12.20
C LEU B 360 7.29 -40.16 10.86
N ALA B 361 8.16 -39.53 10.06
CA ALA B 361 8.49 -40.03 8.72
C ALA B 361 9.58 -41.15 8.63
N GLU B 362 10.34 -41.21 9.72
CA GLU B 362 11.57 -41.97 9.81
C GLU B 362 11.33 -43.46 9.67
#